data_5TDM
#
_entry.id   5TDM
#
_cell.length_a   55.379
_cell.length_b   84.814
_cell.length_c   193.869
_cell.angle_alpha   90.00
_cell.angle_beta   90.00
_cell.angle_gamma   90.00
#
_symmetry.space_group_name_H-M   'P 21 21 21'
#
loop_
_entity.id
_entity.type
_entity.pdbx_description
1 polymer 'ATP-citrate synthase'
2 polymer 'ATP-citrate synthase'
3 non-polymer '3-C-carboxy-2-deoxy-L-threo-pentaric acid'
4 non-polymer "ADENOSINE-5'-DIPHOSPHATE"
5 non-polymer 'MAGNESIUM ION'
6 non-polymer ADENOSINE
7 non-polymer GLYCEROL
8 water water
#
loop_
_entity_poly.entity_id
_entity_poly.type
_entity_poly.pdbx_seq_one_letter_code
_entity_poly.pdbx_strand_id
1 'polypeptide(L)'
;MSAKAISEQTGKELLYKFICTTSAIQNRFKYARVTPDTDWARLLQDHPWLLSQNLVVKPDQLIKRRGKLGLVGVNLTLDG
VKSWLKPRLGQEATVGKATGFLKNFLIEPFVPHSQAEEFYVCIYATREGDYVLFHHEGGVDVGDVDAKAQKLLVGVDEKL
NPEDIKKHLLVHAPEDKKEILASFISGLFNFYEDLYFTYLEINPLVVTKDGVYVLDLAAKVDATADYICKVKWGDIEFPP
PFGREAYPEEAYIADLDAKSGASLKLTLLNPKGRIWTMVAGGGASVVYSDTICDLGGVNELANYGEYSGAPSEQQTYDYA
KTILSLMTREKHPDGKILIIGGSIANFTNVAATFKGIVRAIRDYQGPLKEHEVTIFVRRGGPNYQEGLRVMGEVGKTTGI
PIHVFGTETHMTAIVGMALGHRPIPENLYFQ
;
A
2 'polypeptide(L)'
;SKSTTLFSRHTKAIVWGMQTRAVQGMLDFDYVCSRDEPSVAAMVYPFTGDHKQKFYWGHKEILIPVFKNMADAMRKHPEV
DVLINFASLRSAYDSTMETMNYAQIRTIAIIAEGIPEALTRKLIKKADQKGVTIIGPATVGGIKPGCFKIGNTGGMLDNI
LASKLYRPGSVAYVSRSGGMSNELNNIISRTTDGVYEGVAIGGDRYPGSTFMDHVLRYQDTPGVKMIVVLGEIGGTEEYK
ICRGIKEGRLTKPIVCWCIGTCATMFSSEVQFG(NEP)AGACANQASETAVAKNQALKEAGVFVPRSFDELGEIIQSVYE
DLVANGVI
;
B
#
# COMPACT_ATOMS: atom_id res chain seq x y z
N SER A 2 3.65 1.11 -4.95
CA SER A 2 4.31 1.76 -3.83
C SER A 2 5.62 2.41 -4.25
N ALA A 3 6.07 3.36 -3.43
CA ALA A 3 7.36 3.99 -3.59
C ALA A 3 8.45 3.01 -3.15
N LYS A 4 9.48 2.85 -4.00
CA LYS A 4 10.53 1.86 -3.74
C LYS A 4 11.88 2.51 -3.86
N ALA A 5 12.77 2.22 -2.88
CA ALA A 5 14.12 2.77 -2.85
C ALA A 5 14.90 2.27 -4.05
N ILE A 6 15.79 3.10 -4.56
CA ILE A 6 16.75 2.64 -5.57
C ILE A 6 18.16 2.77 -5.00
N SER A 7 19.09 1.95 -5.55
CA SER A 7 20.48 2.01 -5.09
C SER A 7 21.05 3.38 -5.42
N GLU A 8 22.07 3.77 -4.65
CA GLU A 8 22.82 4.98 -4.97
C GLU A 8 23.33 4.96 -6.42
N GLN A 9 23.72 3.80 -6.90
CA GLN A 9 24.29 3.71 -8.24
C GLN A 9 23.23 3.96 -9.28
N THR A 10 22.08 3.35 -9.10
CA THR A 10 20.96 3.60 -9.99
C THR A 10 20.58 5.06 -10.01
N GLY A 11 20.44 5.66 -8.85
CA GLY A 11 20.02 7.04 -8.84
C GLY A 11 21.04 7.92 -9.52
N LYS A 12 22.33 7.62 -9.33
CA LYS A 12 23.36 8.52 -9.83
C LYS A 12 23.50 8.40 -11.32
N GLU A 13 23.33 7.19 -11.83
CA GLU A 13 23.34 7.00 -13.27
C GLU A 13 22.21 7.81 -13.90
N LEU A 14 21.00 7.72 -13.30
CA LEU A 14 19.86 8.48 -13.82
C LEU A 14 20.13 9.97 -13.75
N LEU A 15 20.62 10.44 -12.64
CA LEU A 15 20.90 11.85 -12.59
C LEU A 15 21.95 12.23 -13.61
N TYR A 16 23.00 11.40 -13.75
CA TYR A 16 24.08 11.77 -14.66
C TYR A 16 23.55 11.80 -16.09
N LYS A 17 22.71 10.82 -16.43
CA LYS A 17 22.08 10.75 -17.74
C LYS A 17 21.16 11.95 -18.02
N PHE A 18 20.29 12.27 -17.08
CA PHE A 18 19.12 13.06 -17.43
C PHE A 18 19.07 14.47 -16.86
N ILE A 19 19.87 14.82 -15.85
CA ILE A 19 19.70 16.15 -15.27
C ILE A 19 20.08 17.22 -16.29
N CYS A 20 19.28 18.26 -16.36
CA CYS A 20 19.62 19.43 -17.16
C CYS A 20 20.01 20.57 -16.23
N THR A 21 21.24 21.04 -16.36
CA THR A 21 21.71 22.18 -15.59
C THR A 21 22.69 22.96 -16.43
N THR A 22 22.86 24.23 -16.08
CA THR A 22 24.02 24.95 -16.56
C THR A 22 25.28 24.55 -15.79
N SER A 23 25.11 23.95 -14.62
CA SER A 23 26.26 23.52 -13.84
C SER A 23 27.10 22.51 -14.61
N ALA A 24 28.41 22.64 -14.48
CA ALA A 24 29.29 21.52 -14.84
C ALA A 24 29.22 20.56 -13.68
N ILE A 25 28.64 19.39 -13.91
CA ILE A 25 28.66 18.34 -12.90
C ILE A 25 29.89 17.47 -13.16
N GLN A 26 30.75 17.39 -12.17
CA GLN A 26 32.02 16.69 -12.27
C GLN A 26 31.82 15.20 -12.04
N ASN A 27 32.80 14.43 -12.53
CA ASN A 27 32.97 13.01 -12.21
C ASN A 27 31.80 12.15 -12.64
N ARG A 28 31.16 12.54 -13.74
CA ARG A 28 29.98 11.83 -14.23
C ARG A 28 30.33 10.39 -14.58
N PHE A 29 29.53 9.46 -14.07
CA PHE A 29 29.69 8.04 -14.37
C PHE A 29 30.98 7.43 -13.80
N LYS A 30 31.80 8.19 -13.05
CA LYS A 30 33.00 7.65 -12.39
C LYS A 30 32.59 7.00 -11.09
N TYR A 31 32.19 5.73 -11.21
CA TYR A 31 31.91 4.91 -10.05
C TYR A 31 32.14 3.47 -10.49
N ALA A 32 32.53 2.59 -9.58
CA ALA A 32 32.64 1.18 -9.91
C ALA A 32 31.96 0.36 -8.84
N ARG A 33 31.38 -0.76 -9.24
CA ARG A 33 30.65 -1.65 -8.36
C ARG A 33 31.49 -2.89 -8.13
N VAL A 34 31.55 -3.30 -6.89
CA VAL A 34 32.36 -4.40 -6.42
C VAL A 34 31.52 -5.31 -5.55
N THR A 35 31.62 -6.59 -5.78
CA THR A 35 31.00 -7.61 -4.96
C THR A 35 32.06 -8.66 -4.61
N PRO A 36 31.71 -9.64 -3.79
CA PRO A 36 32.68 -10.69 -3.45
C PRO A 36 33.08 -11.51 -4.63
N ASP A 37 32.40 -11.33 -5.76
CA ASP A 37 32.71 -12.11 -6.95
C ASP A 37 33.42 -11.27 -8.01
N THR A 38 33.82 -10.04 -7.67
CA THR A 38 34.43 -9.16 -8.65
C THR A 38 35.77 -9.74 -9.15
N ASP A 39 35.94 -9.61 -10.47
CA ASP A 39 37.21 -9.86 -11.17
C ASP A 39 37.94 -8.54 -11.27
N TRP A 40 38.81 -8.29 -10.29
CA TRP A 40 39.41 -6.96 -10.15
C TRP A 40 40.31 -6.60 -11.34
N ALA A 41 40.95 -7.58 -11.96
CA ALA A 41 41.68 -7.27 -13.17
C ALA A 41 40.74 -6.65 -14.20
N ARG A 42 39.60 -7.30 -14.41
CA ARG A 42 38.60 -6.81 -15.35
C ARG A 42 38.03 -5.48 -14.87
N LEU A 43 37.81 -5.33 -13.56
CA LEU A 43 37.32 -4.06 -13.04
C LEU A 43 38.23 -2.93 -13.46
N LEU A 44 39.54 -3.15 -13.38
CA LEU A 44 40.50 -2.09 -13.66
C LEU A 44 40.70 -1.92 -15.15
N GLN A 45 40.41 -2.98 -15.89
CA GLN A 45 40.35 -2.85 -17.34
C GLN A 45 39.24 -1.89 -17.72
N ASP A 46 38.07 -2.01 -17.04
CA ASP A 46 36.93 -1.15 -17.34
C ASP A 46 37.05 0.23 -16.72
N HIS A 47 37.78 0.38 -15.61
CA HIS A 47 37.80 1.64 -14.88
C HIS A 47 39.21 2.12 -14.58
N PRO A 48 39.99 2.40 -15.62
CA PRO A 48 41.37 2.82 -15.38
C PRO A 48 41.51 4.01 -14.46
N TRP A 49 40.46 4.84 -14.35
CA TRP A 49 40.47 6.00 -13.44
C TRP A 49 40.61 5.57 -11.98
N LEU A 50 40.43 4.29 -11.65
CA LEU A 50 40.65 3.88 -10.26
C LEU A 50 42.09 4.05 -9.81
N LEU A 51 43.06 4.19 -10.74
CA LEU A 51 44.45 4.44 -10.42
C LEU A 51 44.81 5.92 -10.48
N SER A 52 43.88 6.79 -10.87
CA SER A 52 44.28 8.15 -11.23
C SER A 52 44.30 9.09 -10.07
N GLN A 53 43.69 8.71 -8.97
CA GLN A 53 43.57 9.61 -7.82
C GLN A 53 43.04 8.75 -6.71
N ASN A 54 43.03 9.31 -5.50
CA ASN A 54 42.50 8.55 -4.39
C ASN A 54 40.99 8.43 -4.53
N LEU A 55 40.45 7.54 -3.69
CA LEU A 55 39.15 6.93 -3.86
C LEU A 55 38.35 6.95 -2.56
N VAL A 56 37.07 6.64 -2.72
CA VAL A 56 36.13 6.42 -1.62
C VAL A 56 35.41 5.13 -1.93
N VAL A 57 35.18 4.34 -0.92
CA VAL A 57 34.51 3.05 -1.04
C VAL A 57 33.45 2.95 0.07
N LYS A 58 32.30 2.37 -0.24
CA LYS A 58 31.23 2.34 0.71
C LYS A 58 30.19 1.36 0.21
N PRO A 59 29.47 0.70 1.08
CA PRO A 59 28.46 -0.25 0.61
C PRO A 59 27.30 0.50 0.00
N ASP A 60 26.71 -0.12 -1.03
CA ASP A 60 25.53 0.42 -1.74
C ASP A 60 24.42 -0.59 -1.57
N GLN A 61 23.85 -0.65 -0.34
CA GLN A 61 22.84 -1.63 -0.04
C GLN A 61 21.67 -1.02 0.75
N LEU A 62 21.38 0.29 0.54
CA LEU A 62 20.35 1.03 1.29
C LEU A 62 20.68 1.09 2.78
N ILE A 63 21.96 1.24 3.10
CA ILE A 63 22.40 1.48 4.46
C ILE A 63 22.52 2.97 4.69
N LYS A 64 21.87 3.46 5.73
CA LYS A 64 22.04 4.86 6.10
C LYS A 64 23.22 5.02 7.03
N ARG A 65 23.75 6.24 7.08
CA ARG A 65 24.62 6.61 8.17
C ARG A 65 25.88 5.78 8.08
N ARG A 66 26.32 5.54 6.86
CA ARG A 66 27.46 4.66 6.67
C ARG A 66 28.72 5.27 7.26
N GLY A 67 28.87 6.58 7.17
CA GLY A 67 30.05 7.18 7.76
C GLY A 67 30.11 6.96 9.26
N LYS A 68 28.99 7.20 9.96
CA LYS A 68 28.92 6.94 11.39
C LYS A 68 29.17 5.48 11.70
N LEU A 69 28.95 4.59 10.74
CA LEU A 69 29.20 3.18 10.97
C LEU A 69 30.60 2.73 10.56
N GLY A 70 31.52 3.65 10.27
CA GLY A 70 32.81 3.23 9.75
C GLY A 70 32.75 2.54 8.41
N LEU A 71 31.66 2.76 7.66
CA LEU A 71 31.47 2.04 6.41
C LEU A 71 31.69 2.92 5.20
N VAL A 72 32.38 4.03 5.37
CA VAL A 72 32.84 4.85 4.26
C VAL A 72 34.34 4.97 4.38
N GLY A 73 35.06 4.45 3.38
CA GLY A 73 36.54 4.52 3.33
C GLY A 73 36.93 5.70 2.47
N VAL A 74 37.61 6.66 3.07
CA VAL A 74 37.78 7.98 2.48
C VAL A 74 39.24 8.21 2.10
N ASN A 75 39.49 8.68 0.86
CA ASN A 75 40.82 9.14 0.46
C ASN A 75 41.86 8.01 0.53
N LEU A 76 41.55 6.90 -0.12
CA LEU A 76 42.35 5.70 -0.14
C LEU A 76 42.92 5.46 -1.53
N THR A 77 44.10 4.86 -1.58
CA THR A 77 44.59 4.35 -2.84
C THR A 77 43.80 3.11 -3.15
N LEU A 78 43.86 2.69 -4.39
CA LEU A 78 43.24 1.42 -4.72
C LEU A 78 43.65 0.33 -3.74
N ASP A 79 44.95 0.25 -3.41
CA ASP A 79 45.41 -0.75 -2.44
C ASP A 79 44.79 -0.50 -1.08
N GLY A 80 44.74 0.76 -0.65
CA GLY A 80 44.00 1.08 0.54
C GLY A 80 42.53 0.66 0.46
N VAL A 81 41.94 0.71 -0.72
CA VAL A 81 40.57 0.25 -0.81
C VAL A 81 40.49 -1.24 -0.60
N LYS A 82 41.39 -1.98 -1.26
CA LYS A 82 41.35 -3.43 -1.11
C LYS A 82 41.61 -3.83 0.34
N SER A 83 42.43 -3.07 1.05
CA SER A 83 42.68 -3.41 2.45
C SER A 83 41.46 -3.14 3.30
N TRP A 84 40.81 -1.98 3.06
CA TRP A 84 39.59 -1.61 3.77
C TRP A 84 38.50 -2.65 3.54
N LEU A 85 38.41 -3.16 2.32
CA LEU A 85 37.36 -4.12 2.00
C LEU A 85 37.62 -5.51 2.58
N LYS A 86 38.88 -5.89 2.82
CA LYS A 86 39.12 -7.27 3.28
C LYS A 86 38.27 -7.67 4.47
N PRO A 87 38.26 -6.93 5.60
CA PRO A 87 37.39 -7.27 6.73
C PRO A 87 35.90 -6.96 6.59
N ARG A 88 35.47 -6.56 5.41
CA ARG A 88 34.11 -6.04 5.26
C ARG A 88 33.39 -6.74 4.15
N LEU A 89 34.00 -6.76 2.98
CA LEU A 89 33.35 -7.34 1.83
C LEU A 89 33.10 -8.82 2.10
N GLY A 90 31.87 -9.27 1.88
CA GLY A 90 31.52 -10.64 2.20
C GLY A 90 31.22 -10.91 3.67
N GLN A 91 31.39 -9.95 4.56
CA GLN A 91 31.13 -10.20 5.97
C GLN A 91 29.68 -9.97 6.35
N GLU A 92 29.22 -10.75 7.30
CA GLU A 92 27.96 -10.44 7.94
C GLU A 92 28.10 -9.19 8.77
N ALA A 93 27.04 -8.37 8.75
CA ALA A 93 27.02 -7.09 9.43
C ALA A 93 25.60 -6.83 9.91
N THR A 94 25.51 -6.19 11.08
CA THR A 94 24.24 -5.79 11.63
C THR A 94 24.18 -4.28 11.58
N VAL A 95 23.06 -3.77 11.08
CA VAL A 95 22.85 -2.33 11.00
C VAL A 95 21.50 -2.07 11.60
N GLY A 96 21.48 -1.25 12.64
CA GLY A 96 20.25 -1.14 13.41
C GLY A 96 19.95 -2.47 14.03
N LYS A 97 18.85 -3.07 13.59
CA LYS A 97 18.45 -4.41 14.01
C LYS A 97 18.43 -5.36 12.83
N ALA A 98 18.94 -4.95 11.68
CA ALA A 98 18.97 -5.80 10.50
C ALA A 98 20.35 -6.44 10.31
N THR A 99 20.36 -7.72 9.97
CA THR A 99 21.59 -8.46 9.74
C THR A 99 21.61 -8.97 8.32
N GLY A 100 22.67 -8.60 7.59
CA GLY A 100 22.86 -9.07 6.24
C GLY A 100 24.35 -9.16 5.92
N PHE A 101 24.66 -9.62 4.70
CA PHE A 101 26.02 -9.63 4.20
C PHE A 101 26.35 -8.35 3.45
N LEU A 102 27.52 -7.82 3.72
CA LEU A 102 28.00 -6.70 2.90
C LEU A 102 28.54 -7.26 1.58
N LYS A 103 27.78 -7.07 0.51
CA LYS A 103 28.10 -7.73 -0.76
C LYS A 103 28.11 -6.81 -1.97
N ASN A 104 27.86 -5.53 -1.80
CA ASN A 104 27.76 -4.64 -2.96
C ASN A 104 28.28 -3.29 -2.57
N PHE A 105 29.38 -2.85 -3.16
CA PHE A 105 30.07 -1.63 -2.76
C PHE A 105 30.34 -0.77 -3.97
N LEU A 106 30.61 0.49 -3.71
CA LEU A 106 30.79 1.48 -4.73
C LEU A 106 32.11 2.20 -4.50
N ILE A 107 32.86 2.43 -5.56
CA ILE A 107 34.11 3.16 -5.47
C ILE A 107 34.03 4.40 -6.34
N GLU A 108 34.50 5.52 -5.82
CA GLU A 108 34.37 6.75 -6.54
C GLU A 108 35.60 7.59 -6.26
N PRO A 109 35.93 8.53 -7.14
CA PRO A 109 36.99 9.49 -6.86
C PRO A 109 36.78 10.17 -5.53
N PHE A 110 37.84 10.27 -4.78
CA PHE A 110 37.87 11.18 -3.66
C PHE A 110 37.91 12.58 -4.23
N VAL A 111 37.24 13.50 -3.55
CA VAL A 111 37.06 14.89 -3.98
C VAL A 111 37.53 15.79 -2.85
N PRO A 112 38.73 16.36 -2.93
CA PRO A 112 39.18 17.22 -1.83
C PRO A 112 38.27 18.42 -1.73
N HIS A 113 37.93 18.80 -0.49
CA HIS A 113 37.19 20.04 -0.35
C HIS A 113 37.19 20.45 1.10
N SER A 114 36.87 21.72 1.34
CA SER A 114 36.59 22.23 2.68
C SER A 114 35.17 21.87 3.10
N GLN A 115 34.92 21.93 4.42
CA GLN A 115 33.60 21.63 4.94
C GLN A 115 32.59 22.69 4.52
N ALA A 116 33.07 23.88 4.25
CA ALA A 116 32.25 24.94 3.77
C ALA A 116 31.78 24.71 2.34
N GLU A 117 32.33 23.73 1.66
CA GLU A 117 31.87 23.39 0.31
C GLU A 117 30.87 22.24 0.32
N GLU A 118 30.50 21.72 1.50
CA GLU A 118 29.46 20.71 1.57
C GLU A 118 28.08 21.37 1.80
N PHE A 119 27.09 20.91 1.04
CA PHE A 119 25.71 21.40 1.03
C PHE A 119 24.76 20.22 1.11
N TYR A 120 23.61 20.44 1.72
CA TYR A 120 22.59 19.41 1.86
C TYR A 120 21.46 19.84 0.92
N VAL A 121 20.95 18.91 0.14
CA VAL A 121 19.77 19.13 -0.68
C VAL A 121 18.88 17.90 -0.50
N CYS A 122 17.58 18.10 -0.33
CA CYS A 122 16.59 17.02 -0.29
C CYS A 122 15.29 17.53 -0.89
N ILE A 123 14.54 16.62 -1.48
CA ILE A 123 13.25 16.86 -2.11
C ILE A 123 12.42 15.66 -1.70
N TYR A 124 11.23 15.88 -1.15
CA TYR A 124 10.41 14.72 -0.85
C TYR A 124 8.93 15.07 -1.02
N ALA A 125 8.17 14.05 -1.33
CA ALA A 125 6.80 14.18 -1.71
C ALA A 125 5.91 14.16 -0.48
N THR A 126 4.84 14.95 -0.51
CA THR A 126 3.74 14.87 0.45
C THR A 126 2.46 15.12 -0.31
N ARG A 127 1.34 15.05 0.41
CA ARG A 127 0.03 15.26 -0.21
C ARG A 127 -0.03 16.60 -0.93
N GLU A 128 0.44 17.65 -0.27
CA GLU A 128 0.26 18.98 -0.83
C GLU A 128 1.35 19.36 -1.82
N GLY A 129 2.33 18.48 -2.11
CA GLY A 129 3.34 18.77 -3.09
C GLY A 129 4.65 18.24 -2.57
N ASP A 130 5.71 18.85 -3.06
CA ASP A 130 7.07 18.39 -2.80
C ASP A 130 7.83 19.46 -2.04
N TYR A 131 8.46 19.06 -0.94
CA TYR A 131 9.29 19.97 -0.17
C TYR A 131 10.73 19.88 -0.67
N VAL A 132 11.40 21.03 -0.72
CA VAL A 132 12.76 21.12 -1.18
C VAL A 132 13.55 21.72 -0.04
N LEU A 133 14.57 21.00 0.40
CA LEU A 133 15.36 21.39 1.55
C LEU A 133 16.76 21.74 1.15
N PHE A 134 17.28 22.82 1.71
CA PHE A 134 18.64 23.20 1.46
C PHE A 134 19.31 23.65 2.75
N HIS A 135 20.55 23.24 2.96
CA HIS A 135 21.31 23.70 4.11
C HIS A 135 22.76 23.88 3.72
N HIS A 136 23.34 25.02 4.11
CA HIS A 136 24.78 25.18 4.01
C HIS A 136 25.50 24.56 5.20
N GLU A 137 25.11 23.36 5.64
CA GLU A 137 25.96 22.53 6.53
C GLU A 137 25.63 21.09 6.16
N GLY A 138 26.06 20.68 4.96
CA GLY A 138 25.97 19.28 4.57
C GLY A 138 26.92 18.45 5.41
N GLY A 139 26.78 17.13 5.28
CA GLY A 139 27.72 16.19 5.87
C GLY A 139 27.07 15.30 6.90
N VAL A 140 27.89 14.42 7.46
CA VAL A 140 27.44 13.39 8.39
C VAL A 140 26.88 13.97 9.68
N ASP A 141 27.23 15.22 10.02
CA ASP A 141 26.75 15.87 11.24
C ASP A 141 25.59 16.82 10.96
N VAL A 142 24.74 16.50 9.97
CA VAL A 142 23.62 17.37 9.60
C VAL A 142 22.50 17.36 10.66
N GLY A 143 22.35 16.27 11.42
CA GLY A 143 21.49 16.25 12.60
C GLY A 143 19.99 16.37 12.43
N ALA A 147 14.90 21.16 11.27
CA ALA A 147 14.45 22.41 11.85
C ALA A 147 15.57 23.47 11.82
N LYS A 148 16.49 23.33 10.87
CA LYS A 148 17.52 24.33 10.63
C LYS A 148 17.79 24.58 9.15
N ALA A 149 17.38 23.68 8.26
CA ALA A 149 17.55 23.93 6.84
C ALA A 149 16.44 24.81 6.31
N GLN A 150 16.75 25.51 5.22
CA GLN A 150 15.71 26.20 4.48
C GLN A 150 14.86 25.15 3.76
N LYS A 151 13.57 25.39 3.71
CA LYS A 151 12.63 24.37 3.29
C LYS A 151 11.52 25.13 2.60
N LEU A 152 11.09 24.64 1.43
CA LEU A 152 10.09 25.30 0.60
C LEU A 152 9.12 24.26 0.07
N LEU A 153 7.84 24.53 0.22
CA LEU A 153 6.82 23.72 -0.42
C LEU A 153 6.63 24.15 -1.89
N VAL A 154 6.78 23.21 -2.80
CA VAL A 154 6.45 23.39 -4.21
C VAL A 154 5.12 22.66 -4.47
N GLY A 155 4.09 23.45 -4.75
CA GLY A 155 2.77 22.90 -5.00
C GLY A 155 2.70 22.03 -6.23
N VAL A 156 1.66 21.20 -6.23
CA VAL A 156 1.43 20.15 -7.23
C VAL A 156 1.57 20.66 -8.67
N ASP A 157 1.19 21.90 -8.93
CA ASP A 157 1.29 22.45 -10.28
C ASP A 157 2.31 23.57 -10.33
N GLU A 158 3.04 23.80 -9.25
CA GLU A 158 4.00 24.88 -9.30
C GLU A 158 5.30 24.45 -9.97
N LYS A 159 6.03 25.44 -10.45
CA LYS A 159 7.32 25.31 -11.07
C LYS A 159 8.36 25.87 -10.10
N LEU A 160 9.60 25.40 -10.27
CA LEU A 160 10.72 25.81 -9.41
C LEU A 160 11.88 26.28 -10.26
N ASN A 161 12.01 27.56 -10.39
CA ASN A 161 13.04 28.16 -11.22
C ASN A 161 14.23 28.51 -10.37
N PRO A 162 15.39 28.57 -10.98
CA PRO A 162 16.56 29.07 -10.26
C PRO A 162 16.19 30.31 -9.46
N GLU A 163 15.39 31.18 -10.06
CA GLU A 163 15.08 32.45 -9.42
C GLU A 163 14.34 32.24 -8.12
N ASP A 164 13.46 31.22 -8.08
CA ASP A 164 12.73 30.87 -6.86
C ASP A 164 13.69 30.31 -5.81
N ILE A 165 14.69 29.58 -6.26
CA ILE A 165 15.58 28.91 -5.31
C ILE A 165 16.46 29.91 -4.59
N LYS A 166 17.11 30.81 -5.32
CA LYS A 166 17.86 31.86 -4.65
C LYS A 166 16.97 32.61 -3.66
N LYS A 167 15.71 32.86 -4.06
CA LYS A 167 14.75 33.64 -3.26
C LYS A 167 14.41 32.94 -1.94
N HIS A 168 13.91 31.71 -2.02
CA HIS A 168 13.37 31.01 -0.85
C HIS A 168 14.44 30.24 -0.06
N LEU A 169 15.43 29.67 -0.75
CA LEU A 169 16.24 28.62 -0.17
C LEU A 169 17.71 28.96 0.04
N LEU A 170 18.27 29.87 -0.76
CA LEU A 170 19.72 30.06 -0.76
C LEU A 170 20.13 31.26 0.06
N VAL A 171 19.24 31.75 0.89
CA VAL A 171 19.51 32.97 1.64
C VAL A 171 20.83 32.85 2.42
N HIS A 172 21.13 31.68 2.97
CA HIS A 172 22.35 31.49 3.74
C HIS A 172 23.50 30.95 2.90
N ALA A 173 23.41 31.04 1.68
CA ALA A 173 24.43 30.36 0.90
C ALA A 173 25.53 31.32 0.47
N PRO A 174 26.78 30.87 0.30
CA PRO A 174 27.83 31.77 -0.20
C PRO A 174 27.40 32.42 -1.51
N GLU A 175 27.57 33.73 -1.57
CA GLU A 175 27.05 34.45 -2.72
C GLU A 175 27.63 33.89 -4.02
N ASP A 176 28.92 33.56 -4.03
CA ASP A 176 29.54 33.07 -5.26
C ASP A 176 28.98 31.73 -5.71
N LYS A 177 28.34 30.99 -4.81
CA LYS A 177 27.82 29.67 -5.13
C LYS A 177 26.33 29.69 -5.48
N LYS A 178 25.65 30.83 -5.30
CA LYS A 178 24.20 30.87 -5.47
C LYS A 178 23.79 30.46 -6.88
N GLU A 179 24.45 31.01 -7.91
CA GLU A 179 24.03 30.71 -9.27
C GLU A 179 24.16 29.22 -9.56
N ILE A 180 25.30 28.61 -9.22
CA ILE A 180 25.46 27.21 -9.56
C ILE A 180 24.55 26.36 -8.69
N LEU A 181 24.36 26.74 -7.42
CA LEU A 181 23.42 26.01 -6.56
C LEU A 181 22.01 26.09 -7.10
N ALA A 182 21.59 27.30 -7.48
CA ALA A 182 20.24 27.47 -7.98
C ALA A 182 20.04 26.65 -9.24
N SER A 183 21.00 26.72 -10.16
CA SER A 183 20.86 25.97 -11.40
C SER A 183 20.75 24.49 -11.12
N PHE A 184 21.64 23.97 -10.28
CA PHE A 184 21.62 22.53 -10.00
C PHE A 184 20.30 22.12 -9.35
N ILE A 185 19.85 22.90 -8.38
CA ILE A 185 18.65 22.49 -7.65
C ILE A 185 17.41 22.53 -8.55
N SER A 186 17.26 23.60 -9.35
CA SER A 186 16.20 23.61 -10.35
C SER A 186 16.28 22.39 -11.25
N GLY A 187 17.48 22.04 -11.72
CA GLY A 187 17.62 20.85 -12.54
C GLY A 187 17.27 19.57 -11.82
N LEU A 188 17.81 19.42 -10.59
CA LEU A 188 17.46 18.30 -9.75
C LEU A 188 15.95 18.21 -9.56
N PHE A 189 15.29 19.33 -9.27
CA PHE A 189 13.83 19.25 -9.10
C PHE A 189 13.15 18.85 -10.40
N ASN A 190 13.58 19.40 -11.55
CA ASN A 190 13.00 18.93 -12.81
C ASN A 190 13.25 17.44 -13.03
N PHE A 191 14.46 16.99 -12.72
CA PHE A 191 14.77 15.58 -12.86
C PHE A 191 13.86 14.74 -11.98
N TYR A 192 13.79 15.13 -10.71
CA TYR A 192 12.93 14.48 -9.72
C TYR A 192 11.52 14.31 -10.25
N GLU A 193 10.96 15.37 -10.84
CA GLU A 193 9.57 15.31 -11.33
C GLU A 193 9.44 14.42 -12.55
N ASP A 194 10.35 14.58 -13.51
CA ASP A 194 10.16 13.89 -14.77
C ASP A 194 10.31 12.39 -14.59
N LEU A 195 11.12 11.96 -13.63
CA LEU A 195 11.32 10.54 -13.44
C LEU A 195 10.54 10.00 -12.26
N TYR A 196 9.56 10.76 -11.76
CA TYR A 196 8.65 10.25 -10.73
C TYR A 196 9.38 9.74 -9.49
N PHE A 197 10.31 10.56 -9.02
CA PHE A 197 10.84 10.34 -7.69
C PHE A 197 9.82 10.77 -6.67
N THR A 198 9.93 10.19 -5.48
CA THR A 198 9.21 10.62 -4.30
C THR A 198 10.10 11.02 -3.17
N TYR A 199 11.41 10.70 -3.26
CA TYR A 199 12.42 11.12 -2.29
C TYR A 199 13.74 11.12 -3.01
N LEU A 200 14.51 12.17 -2.80
CA LEU A 200 15.81 12.31 -3.43
C LEU A 200 16.62 13.19 -2.49
N GLU A 201 17.68 12.62 -1.92
CA GLU A 201 18.53 13.38 -1.00
C GLU A 201 19.99 13.25 -1.42
N ILE A 202 20.66 14.38 -1.44
CA ILE A 202 22.07 14.43 -1.76
C ILE A 202 22.72 15.05 -0.55
N ASN A 203 23.44 14.24 0.21
CA ASN A 203 24.12 14.73 1.39
C ASN A 203 25.47 14.01 1.56
N PRO A 204 26.57 14.68 1.23
CA PRO A 204 26.64 16.06 0.73
C PRO A 204 26.70 16.23 -0.77
N LEU A 205 26.25 17.42 -1.17
CA LEU A 205 26.54 18.00 -2.47
C LEU A 205 27.72 18.93 -2.31
N VAL A 206 28.69 18.82 -3.19
CA VAL A 206 29.90 19.59 -3.03
C VAL A 206 30.03 20.53 -4.20
N VAL A 207 30.52 21.72 -3.93
CA VAL A 207 30.72 22.69 -4.97
C VAL A 207 32.04 23.36 -4.67
N THR A 208 33.03 23.08 -5.46
CA THR A 208 34.32 23.69 -5.40
C THR A 208 34.52 24.58 -6.61
N LYS A 209 35.67 25.24 -6.62
CA LYS A 209 36.04 26.05 -7.75
C LYS A 209 35.89 25.31 -9.07
N ASP A 210 35.88 23.97 -9.07
CA ASP A 210 35.79 23.20 -10.31
C ASP A 210 34.39 22.70 -10.62
N GLY A 211 33.40 22.94 -9.75
CA GLY A 211 32.07 22.55 -10.13
C GLY A 211 31.39 21.67 -9.11
N VAL A 212 30.38 20.97 -9.58
CA VAL A 212 29.38 20.37 -8.75
C VAL A 212 29.67 18.90 -8.71
N TYR A 213 29.76 18.38 -7.50
CA TYR A 213 30.02 16.97 -7.25
C TYR A 213 28.91 16.41 -6.40
N VAL A 214 28.39 15.25 -6.80
CA VAL A 214 27.34 14.57 -6.06
C VAL A 214 27.99 13.43 -5.30
N LEU A 215 28.26 13.64 -4.02
CA LEU A 215 29.01 12.62 -3.28
C LEU A 215 28.17 11.50 -2.72
N ASP A 216 26.89 11.73 -2.48
CA ASP A 216 26.00 10.74 -1.89
C ASP A 216 24.62 10.94 -2.49
N LEU A 217 23.84 9.85 -2.64
CA LEU A 217 22.51 9.98 -3.16
C LEU A 217 21.67 8.87 -2.58
N ALA A 218 20.52 9.25 -2.04
CA ALA A 218 19.51 8.31 -1.55
C ALA A 218 18.20 8.70 -2.21
N ALA A 219 17.43 7.73 -2.67
CA ALA A 219 16.22 8.09 -3.41
C ALA A 219 15.24 6.94 -3.43
N LYS A 220 13.96 7.30 -3.56
CA LYS A 220 12.83 6.41 -3.85
C LYS A 220 12.15 6.95 -5.08
N VAL A 221 11.66 6.04 -5.92
CA VAL A 221 10.81 6.36 -7.05
C VAL A 221 9.47 5.67 -6.83
N ASP A 222 8.44 6.25 -7.44
CA ASP A 222 7.13 5.64 -7.40
C ASP A 222 7.12 4.52 -8.43
N ALA A 223 7.34 3.29 -7.97
CA ALA A 223 7.42 2.18 -8.92
C ALA A 223 6.17 2.02 -9.77
N THR A 224 5.02 2.57 -9.37
CA THR A 224 3.83 2.40 -10.22
C THR A 224 3.95 3.18 -11.53
N ALA A 225 4.89 4.11 -11.60
CA ALA A 225 5.07 4.89 -12.81
C ALA A 225 5.88 4.18 -13.90
N ASP A 226 6.12 2.88 -13.79
CA ASP A 226 6.95 2.20 -14.79
C ASP A 226 6.36 2.42 -16.17
N TYR A 227 5.04 2.33 -16.29
CA TYR A 227 4.41 2.48 -17.60
C TYR A 227 4.64 3.86 -18.18
N ILE A 228 4.91 4.86 -17.36
CA ILE A 228 5.21 6.17 -17.91
C ILE A 228 6.68 6.32 -18.23
N CYS A 229 7.53 5.77 -17.37
CA CYS A 229 8.92 6.16 -17.26
C CYS A 229 9.90 5.11 -17.76
N LYS A 230 9.40 3.98 -18.23
CA LYS A 230 10.28 2.84 -18.51
C LYS A 230 11.38 3.20 -19.49
N VAL A 231 11.13 4.13 -20.41
CA VAL A 231 12.14 4.44 -21.42
C VAL A 231 13.36 5.03 -20.75
N LYS A 232 13.14 5.87 -19.74
CA LYS A 232 14.24 6.51 -19.05
C LYS A 232 14.77 5.65 -17.91
N TRP A 233 13.87 4.98 -17.18
CA TRP A 233 14.31 4.10 -16.08
C TRP A 233 15.11 2.93 -16.62
N GLY A 234 14.80 2.47 -17.82
CA GLY A 234 15.50 1.27 -18.22
C GLY A 234 15.15 0.11 -17.29
N ASP A 235 16.07 -0.83 -17.18
CA ASP A 235 15.87 -2.06 -16.41
C ASP A 235 16.22 -1.79 -14.94
N ILE A 236 15.44 -0.86 -14.37
CA ILE A 236 15.66 -0.35 -13.03
C ILE A 236 15.41 -1.45 -12.02
N GLU A 237 16.21 -1.46 -10.98
CA GLU A 237 16.21 -2.48 -9.95
C GLU A 237 15.86 -1.82 -8.63
N PHE A 238 15.09 -2.54 -7.80
CA PHE A 238 14.56 -2.05 -6.53
C PHE A 238 15.10 -2.99 -5.45
N PRO A 239 16.22 -2.65 -4.82
CA PRO A 239 16.87 -3.61 -3.94
C PRO A 239 16.04 -3.84 -2.70
N PRO A 240 16.09 -5.05 -2.12
CA PRO A 240 15.48 -5.30 -0.81
C PRO A 240 16.10 -4.40 0.24
N PRO A 241 15.46 -4.27 1.38
CA PRO A 241 16.10 -3.57 2.48
C PRO A 241 17.28 -4.39 2.91
N PHE A 242 18.28 -3.72 3.43
CA PHE A 242 19.37 -4.42 4.06
C PHE A 242 18.81 -5.30 5.16
N GLY A 243 19.25 -6.53 5.20
CA GLY A 243 18.70 -7.49 6.11
C GLY A 243 17.87 -8.54 5.44
N ARG A 244 17.46 -8.31 4.21
CA ARG A 244 16.75 -9.34 3.48
C ARG A 244 17.51 -9.68 2.21
N GLU A 245 17.25 -10.87 1.70
CA GLU A 245 17.68 -11.25 0.36
C GLU A 245 16.46 -11.49 -0.53
N ALA A 246 16.70 -11.51 -1.83
CA ALA A 246 15.65 -11.72 -2.83
C ALA A 246 15.61 -13.20 -3.23
N TYR A 247 14.41 -13.76 -3.27
CA TYR A 247 14.24 -15.15 -3.70
C TYR A 247 13.51 -15.22 -5.04
N PRO A 248 13.83 -16.22 -5.88
CA PRO A 248 13.14 -16.30 -7.17
C PRO A 248 11.65 -16.48 -7.02
N GLU A 249 11.20 -17.06 -5.89
CA GLU A 249 9.77 -17.18 -5.63
C GLU A 249 9.12 -15.82 -5.58
N GLU A 250 9.80 -14.87 -4.93
CA GLU A 250 9.29 -13.50 -4.87
C GLU A 250 9.22 -12.90 -6.26
N ALA A 251 10.31 -13.05 -7.05
CA ALA A 251 10.33 -12.55 -8.42
C ALA A 251 9.33 -13.29 -9.30
N TYR A 252 9.18 -14.59 -9.06
CA TYR A 252 8.15 -15.39 -9.73
C TYR A 252 6.75 -14.82 -9.45
N ILE A 253 6.37 -14.74 -8.17
CA ILE A 253 5.05 -14.20 -7.82
C ILE A 253 4.87 -12.79 -8.36
N ALA A 254 5.92 -11.98 -8.28
CA ALA A 254 5.83 -10.61 -8.81
C ALA A 254 5.49 -10.61 -10.30
N ASP A 255 6.15 -11.48 -11.06
CA ASP A 255 5.84 -11.57 -12.48
C ASP A 255 4.37 -11.90 -12.68
N LEU A 256 3.83 -12.83 -11.88
CA LEU A 256 2.40 -13.12 -11.91
C LEU A 256 1.58 -11.87 -11.63
N ASP A 257 1.98 -11.07 -10.64
CA ASP A 257 1.21 -9.91 -10.21
C ASP A 257 1.16 -8.83 -11.27
N ALA A 258 2.18 -8.77 -12.12
CA ALA A 258 2.31 -7.72 -13.14
C ALA A 258 1.49 -8.01 -14.38
N LYS A 259 0.95 -9.22 -14.52
CA LYS A 259 0.23 -9.61 -15.72
C LYS A 259 -1.26 -9.36 -15.64
N SER A 260 -1.85 -9.34 -14.45
CA SER A 260 -3.28 -9.10 -14.31
C SER A 260 -3.52 -7.98 -13.30
N GLY A 261 -4.74 -7.46 -13.33
CA GLY A 261 -5.21 -6.53 -12.33
C GLY A 261 -5.32 -7.16 -10.96
N ALA A 262 -5.34 -8.49 -10.90
CA ALA A 262 -5.26 -9.21 -9.63
C ALA A 262 -3.93 -8.95 -8.94
N SER A 263 -3.98 -8.89 -7.62
CA SER A 263 -2.82 -8.65 -6.78
C SER A 263 -2.35 -9.99 -6.28
N LEU A 264 -1.05 -10.24 -6.41
CA LEU A 264 -0.42 -11.46 -5.95
C LEU A 264 0.94 -11.05 -5.39
N LYS A 265 1.14 -11.18 -4.08
CA LYS A 265 2.34 -10.63 -3.47
C LYS A 265 2.92 -11.60 -2.46
N LEU A 266 4.24 -11.81 -2.54
CA LEU A 266 4.92 -12.70 -1.60
C LEU A 266 6.17 -12.01 -1.10
N THR A 267 6.34 -12.04 0.21
CA THR A 267 7.60 -11.68 0.83
C THR A 267 7.98 -12.77 1.81
N LEU A 268 9.19 -13.31 1.63
CA LEU A 268 9.76 -14.28 2.56
C LEU A 268 10.41 -13.52 3.71
N LEU A 269 9.98 -13.81 4.93
CA LEU A 269 10.60 -13.25 6.12
C LEU A 269 11.56 -14.23 6.79
N ASN A 270 11.18 -15.51 6.86
CA ASN A 270 12.03 -16.53 7.45
C ASN A 270 11.72 -17.86 6.76
N PRO A 271 12.48 -18.21 5.71
CA PRO A 271 12.20 -19.48 5.02
C PRO A 271 12.12 -20.70 5.92
N LYS A 272 12.87 -20.73 7.01
CA LYS A 272 12.84 -21.87 7.93
C LYS A 272 11.68 -21.80 8.93
N GLY A 273 10.87 -20.74 8.87
CA GLY A 273 9.75 -20.66 9.78
C GLY A 273 8.71 -21.74 9.54
N ARG A 274 8.12 -22.21 10.63
CA ARG A 274 7.06 -23.22 10.57
C ARG A 274 5.66 -22.62 10.40
N ILE A 275 5.50 -21.31 10.32
CA ILE A 275 4.18 -20.67 10.23
C ILE A 275 4.06 -19.96 8.89
N TRP A 276 3.28 -20.55 7.98
CA TRP A 276 3.08 -19.98 6.66
C TRP A 276 1.66 -19.42 6.55
N THR A 277 1.51 -18.38 5.75
CA THR A 277 0.20 -17.82 5.51
C THR A 277 -0.03 -17.70 4.02
N MET A 278 -1.26 -17.94 3.62
CA MET A 278 -1.71 -17.67 2.26
C MET A 278 -3.05 -16.99 2.48
N VAL A 279 -3.01 -15.69 2.68
CA VAL A 279 -4.18 -14.92 3.08
C VAL A 279 -4.65 -14.11 1.90
N ALA A 280 -5.96 -13.96 1.79
CA ALA A 280 -6.59 -13.09 0.81
C ALA A 280 -6.69 -11.67 1.37
N GLY A 281 -6.19 -10.71 0.60
CA GLY A 281 -6.44 -9.30 0.93
C GLY A 281 -5.29 -8.60 1.63
N GLY A 282 -4.98 -7.38 1.18
CA GLY A 282 -4.01 -6.54 1.85
C GLY A 282 -4.26 -6.40 3.36
N GLY A 283 -5.40 -5.82 3.74
CA GLY A 283 -5.66 -5.59 5.15
C GLY A 283 -5.70 -6.88 5.94
N ALA A 284 -6.50 -7.83 5.49
CA ALA A 284 -6.59 -9.11 6.19
C ALA A 284 -5.20 -9.72 6.41
N SER A 285 -4.39 -9.79 5.33
CA SER A 285 -3.07 -10.43 5.44
C SER A 285 -2.21 -9.73 6.49
N VAL A 286 -2.24 -8.39 6.50
CA VAL A 286 -1.65 -7.64 7.59
C VAL A 286 -2.20 -8.12 8.94
N VAL A 287 -3.52 -8.21 9.06
CA VAL A 287 -4.14 -8.48 10.36
C VAL A 287 -3.73 -9.84 10.91
N TYR A 288 -3.76 -10.84 10.06
CA TYR A 288 -3.33 -12.16 10.48
C TYR A 288 -1.88 -12.09 10.95
N SER A 289 -1.02 -11.41 10.18
CA SER A 289 0.37 -11.23 10.57
C SER A 289 0.46 -10.59 11.93
N ASP A 290 -0.34 -9.52 12.15
CA ASP A 290 -0.42 -8.85 13.45
C ASP A 290 -0.73 -9.83 14.54
N THR A 291 -1.62 -10.77 14.24
CA THR A 291 -2.11 -11.68 15.24
C THR A 291 -1.07 -12.76 15.52
N ILE A 292 -0.51 -13.32 14.46
CA ILE A 292 0.52 -14.35 14.61
C ILE A 292 1.64 -13.82 15.51
N CYS A 293 2.03 -12.56 15.31
CA CYS A 293 3.08 -11.94 16.11
C CYS A 293 2.59 -11.47 17.48
N ASP A 294 1.36 -11.01 17.61
CA ASP A 294 0.83 -10.66 18.92
C ASP A 294 0.78 -11.90 19.78
N LEU A 295 0.72 -13.07 19.16
CA LEU A 295 0.64 -14.32 19.88
C LEU A 295 1.98 -15.01 19.95
N GLY A 296 3.06 -14.26 19.78
CA GLY A 296 4.40 -14.73 20.04
C GLY A 296 5.14 -15.33 18.87
N GLY A 297 4.51 -15.52 17.72
CA GLY A 297 5.04 -16.37 16.67
C GLY A 297 5.87 -15.67 15.63
N VAL A 298 6.35 -14.46 15.93
CA VAL A 298 7.06 -13.66 14.93
C VAL A 298 8.31 -14.39 14.44
N ASN A 299 8.99 -15.09 15.33
CA ASN A 299 10.22 -15.75 14.90
C ASN A 299 9.94 -16.92 13.98
N GLU A 300 8.71 -17.46 13.99
CA GLU A 300 8.35 -18.59 13.15
C GLU A 300 7.51 -18.19 11.95
N LEU A 301 7.25 -16.90 11.76
CA LEU A 301 6.45 -16.43 10.64
C LEU A 301 7.31 -16.38 9.38
N ALA A 302 6.96 -17.19 8.41
CA ALA A 302 7.85 -17.43 7.29
C ALA A 302 7.73 -16.39 6.18
N ASN A 303 6.59 -15.72 6.09
CA ASN A 303 6.29 -14.90 4.91
C ASN A 303 5.18 -13.91 5.22
N TYR A 304 5.20 -12.81 4.47
CA TYR A 304 4.07 -11.94 4.29
C TYR A 304 3.56 -12.12 2.86
N GLY A 305 2.28 -12.40 2.71
CA GLY A 305 1.75 -12.67 1.40
C GLY A 305 0.25 -12.47 1.33
N GLU A 306 -0.21 -11.99 0.17
CA GLU A 306 -1.63 -11.78 -0.07
C GLU A 306 -1.95 -11.95 -1.56
N TYR A 307 -2.99 -12.73 -1.83
CA TYR A 307 -3.68 -12.64 -3.11
C TYR A 307 -5.00 -11.89 -2.94
N SER A 308 -5.54 -11.38 -4.06
CA SER A 308 -6.78 -10.64 -4.04
C SER A 308 -7.11 -10.11 -5.43
N GLY A 309 -8.17 -9.31 -5.53
CA GLY A 309 -8.56 -8.81 -6.85
C GLY A 309 -9.00 -9.92 -7.77
N ALA A 310 -9.73 -10.91 -7.24
CA ALA A 310 -10.26 -12.01 -8.01
C ALA A 310 -9.21 -12.66 -8.91
N PRO A 311 -8.19 -13.28 -8.32
CA PRO A 311 -7.30 -14.13 -9.13
C PRO A 311 -8.08 -15.29 -9.72
N SER A 312 -7.67 -15.72 -10.91
CA SER A 312 -8.27 -16.89 -11.50
C SER A 312 -7.82 -18.15 -10.74
N GLU A 313 -8.54 -19.25 -10.99
CA GLU A 313 -8.15 -20.52 -10.38
C GLU A 313 -6.71 -20.88 -10.73
N GLN A 314 -6.32 -20.61 -11.99
CA GLN A 314 -4.93 -20.85 -12.40
C GLN A 314 -3.95 -19.97 -11.63
N GLN A 315 -4.17 -18.65 -11.64
CA GLN A 315 -3.30 -17.76 -10.86
C GLN A 315 -3.20 -18.23 -9.41
N THR A 316 -4.32 -18.72 -8.87
CA THR A 316 -4.36 -19.10 -7.46
C THR A 316 -3.60 -20.39 -7.22
N TYR A 317 -3.70 -21.33 -8.15
CA TYR A 317 -2.92 -22.55 -8.07
C TYR A 317 -1.42 -22.24 -8.08
N ASP A 318 -0.99 -21.36 -8.99
CA ASP A 318 0.44 -21.06 -9.11
C ASP A 318 0.96 -20.32 -7.90
N TYR A 319 0.14 -19.47 -7.26
CA TYR A 319 0.55 -18.86 -5.99
C TYR A 319 0.75 -19.95 -4.94
N ALA A 320 -0.29 -20.75 -4.73
CA ALA A 320 -0.26 -21.74 -3.66
C ALA A 320 0.89 -22.72 -3.86
N LYS A 321 1.16 -23.14 -5.11
CA LYS A 321 2.25 -24.09 -5.37
C LYS A 321 3.59 -23.53 -4.93
N THR A 322 3.80 -22.23 -5.11
CA THR A 322 5.02 -21.61 -4.62
C THR A 322 5.09 -21.71 -3.09
N ILE A 323 4.01 -21.33 -2.38
CA ILE A 323 4.03 -21.45 -0.93
C ILE A 323 4.34 -22.87 -0.53
N LEU A 324 3.65 -23.83 -1.13
CA LEU A 324 3.78 -25.21 -0.67
C LEU A 324 5.15 -25.77 -0.99
N SER A 325 5.80 -25.22 -2.02
CA SER A 325 7.17 -25.62 -2.34
C SER A 325 8.13 -25.10 -1.26
N LEU A 326 7.89 -23.88 -0.76
CA LEU A 326 8.84 -23.22 0.12
C LEU A 326 8.79 -23.74 1.56
N MET A 327 7.66 -24.31 1.98
CA MET A 327 7.51 -24.91 3.29
C MET A 327 7.77 -26.40 3.29
N THR A 328 8.13 -26.97 2.15
CA THR A 328 8.56 -28.36 2.05
C THR A 328 10.01 -28.45 1.59
N ARG A 329 10.78 -27.39 1.79
CA ARG A 329 12.20 -27.46 1.52
C ARG A 329 12.94 -28.13 2.66
N GLU A 330 12.51 -27.88 3.90
CA GLU A 330 13.21 -28.39 5.08
C GLU A 330 12.20 -28.76 6.16
N LYS A 331 12.33 -29.96 6.71
CA LYS A 331 11.44 -30.38 7.78
C LYS A 331 11.67 -29.54 9.02
N HIS A 332 10.80 -29.75 9.99
CA HIS A 332 10.90 -29.06 11.24
C HIS A 332 10.47 -30.07 12.30
N PRO A 333 11.15 -30.11 13.47
CA PRO A 333 10.70 -30.99 14.55
C PRO A 333 9.19 -30.94 14.73
N ASP A 334 8.69 -29.76 15.05
CA ASP A 334 7.28 -29.55 15.32
C ASP A 334 6.43 -29.43 14.05
N GLY A 335 6.97 -29.81 12.89
CA GLY A 335 6.18 -29.70 11.68
C GLY A 335 6.02 -28.25 11.24
N LYS A 336 4.98 -28.01 10.45
CA LYS A 336 4.68 -26.68 9.94
C LYS A 336 3.18 -26.40 10.02
N ILE A 337 2.82 -25.13 9.82
CA ILE A 337 1.43 -24.71 9.82
C ILE A 337 1.22 -23.80 8.61
N LEU A 338 0.01 -23.87 8.06
CA LEU A 338 -0.38 -23.03 6.93
C LEU A 338 -1.70 -22.35 7.28
N ILE A 339 -1.73 -21.02 7.25
CA ILE A 339 -2.93 -20.26 7.56
C ILE A 339 -3.53 -19.77 6.25
N ILE A 340 -4.57 -20.44 5.79
CA ILE A 340 -5.29 -20.06 4.56
C ILE A 340 -6.50 -19.25 5.01
N GLY A 341 -6.33 -17.92 5.06
CA GLY A 341 -7.29 -17.06 5.70
C GLY A 341 -7.70 -15.89 4.82
N GLY A 342 -8.58 -15.07 5.38
CA GLY A 342 -9.08 -13.92 4.67
C GLY A 342 -10.35 -13.42 5.32
N SER A 343 -10.71 -12.21 4.92
CA SER A 343 -11.96 -11.62 5.35
C SER A 343 -13.08 -12.27 4.56
N ILE A 344 -14.25 -11.66 4.60
CA ILE A 344 -15.37 -12.09 3.79
C ILE A 344 -15.18 -11.34 2.47
N ALA A 345 -14.78 -12.04 1.44
CA ALA A 345 -14.46 -11.33 0.21
C ALA A 345 -15.69 -10.56 -0.29
N ASN A 346 -15.40 -9.43 -0.91
CA ASN A 346 -16.36 -8.64 -1.67
C ASN A 346 -16.70 -9.26 -3.00
N PHE A 347 -15.69 -9.68 -3.76
CA PHE A 347 -15.98 -10.25 -5.07
C PHE A 347 -15.09 -11.41 -5.48
N THR A 348 -13.99 -11.67 -4.79
CA THR A 348 -13.15 -12.83 -5.13
C THR A 348 -13.97 -14.12 -5.03
N ASN A 349 -13.89 -14.93 -6.09
CA ASN A 349 -14.67 -16.16 -6.16
C ASN A 349 -13.98 -17.18 -5.29
N VAL A 350 -14.48 -17.37 -4.06
CA VAL A 350 -13.80 -18.29 -3.14
C VAL A 350 -13.75 -19.69 -3.72
N ALA A 351 -14.80 -20.11 -4.42
CA ALA A 351 -14.81 -21.46 -4.95
C ALA A 351 -13.76 -21.63 -6.05
N ALA A 352 -13.64 -20.65 -6.94
CA ALA A 352 -12.62 -20.72 -7.98
C ALA A 352 -11.24 -20.71 -7.35
N THR A 353 -11.01 -19.83 -6.36
CA THR A 353 -9.67 -19.71 -5.77
C THR A 353 -9.31 -20.94 -4.95
N PHE A 354 -10.21 -21.42 -4.10
CA PHE A 354 -9.87 -22.57 -3.29
C PHE A 354 -9.72 -23.82 -4.16
N LYS A 355 -10.44 -23.90 -5.28
CA LYS A 355 -10.21 -25.01 -6.21
C LYS A 355 -8.78 -24.98 -6.77
N GLY A 356 -8.20 -23.79 -6.92
CA GLY A 356 -6.79 -23.70 -7.26
C GLY A 356 -5.88 -24.16 -6.13
N ILE A 357 -6.23 -23.80 -4.89
CA ILE A 357 -5.44 -24.21 -3.73
C ILE A 357 -5.55 -25.70 -3.51
N VAL A 358 -6.75 -26.23 -3.64
CA VAL A 358 -6.95 -27.66 -3.45
C VAL A 358 -6.07 -28.43 -4.41
N ARG A 359 -6.14 -28.08 -5.69
CA ARG A 359 -5.35 -28.76 -6.69
C ARG A 359 -3.85 -28.68 -6.38
N ALA A 360 -3.40 -27.55 -5.82
CA ALA A 360 -2.00 -27.45 -5.44
C ALA A 360 -1.70 -28.31 -4.21
N ILE A 361 -2.55 -28.29 -3.18
CA ILE A 361 -2.42 -29.23 -2.07
C ILE A 361 -2.38 -30.66 -2.60
N ARG A 362 -3.28 -30.97 -3.54
CA ARG A 362 -3.33 -32.31 -4.11
C ARG A 362 -2.00 -32.69 -4.74
N ASP A 363 -1.37 -31.75 -5.43
CA ASP A 363 -0.12 -32.06 -6.10
C ASP A 363 1.02 -32.23 -5.10
N TYR A 364 0.95 -31.54 -3.95
CA TYR A 364 2.01 -31.56 -2.95
C TYR A 364 1.63 -32.37 -1.71
N GLN A 365 0.61 -33.22 -1.81
CA GLN A 365 0.11 -33.90 -0.62
C GLN A 365 1.20 -34.72 0.06
N GLY A 366 2.06 -35.38 -0.75
CA GLY A 366 3.11 -36.22 -0.22
C GLY A 366 4.09 -35.44 0.65
N PRO A 367 4.77 -34.48 0.05
CA PRO A 367 5.65 -33.61 0.85
C PRO A 367 4.96 -32.96 2.04
N LEU A 368 3.76 -32.42 1.85
CA LEU A 368 3.08 -31.75 2.97
C LEU A 368 2.92 -32.68 4.16
N LYS A 369 2.60 -33.95 3.93
CA LYS A 369 2.49 -34.88 5.05
C LYS A 369 3.84 -35.13 5.71
N GLU A 370 4.91 -35.27 4.89
CA GLU A 370 6.23 -35.57 5.43
C GLU A 370 6.84 -34.41 6.21
N HIS A 371 6.34 -33.18 6.03
CA HIS A 371 6.70 -32.05 6.87
C HIS A 371 5.67 -31.77 7.94
N GLU A 372 4.74 -32.69 8.16
CA GLU A 372 3.72 -32.58 9.22
C GLU A 372 2.97 -31.25 9.12
N VAL A 373 2.67 -30.83 7.90
CA VAL A 373 1.97 -29.56 7.69
C VAL A 373 0.53 -29.71 8.16
N THR A 374 0.10 -28.82 9.05
CA THR A 374 -1.31 -28.73 9.43
C THR A 374 -1.91 -27.44 8.90
N ILE A 375 -3.13 -27.54 8.33
CA ILE A 375 -3.73 -26.46 7.57
C ILE A 375 -4.96 -25.95 8.33
N PHE A 376 -5.08 -24.64 8.41
CA PHE A 376 -6.29 -23.99 8.95
C PHE A 376 -6.82 -22.99 7.93
N VAL A 377 -8.13 -23.08 7.68
CA VAL A 377 -8.82 -22.33 6.65
C VAL A 377 -9.93 -21.53 7.32
N ARG A 378 -9.99 -20.21 7.05
CA ARG A 378 -11.19 -19.40 7.35
C ARG A 378 -11.46 -18.42 6.21
N ARG A 379 -12.70 -18.33 5.74
CA ARG A 379 -12.96 -17.52 4.55
C ARG A 379 -14.43 -17.25 4.39
N GLY A 380 -14.74 -16.05 3.86
CA GLY A 380 -16.08 -15.74 3.39
C GLY A 380 -16.01 -15.16 1.99
N GLY A 381 -17.19 -14.99 1.41
CA GLY A 381 -17.38 -14.28 0.18
C GLY A 381 -18.15 -15.15 -0.80
N PRO A 382 -18.15 -14.74 -2.08
CA PRO A 382 -18.91 -15.45 -3.11
C PRO A 382 -18.52 -16.92 -3.21
N ASN A 383 -19.54 -17.78 -3.11
CA ASN A 383 -19.41 -19.23 -3.29
C ASN A 383 -18.51 -19.86 -2.24
N TYR A 384 -18.41 -19.25 -1.05
CA TYR A 384 -17.43 -19.71 -0.07
C TYR A 384 -17.80 -21.08 0.50
N GLN A 385 -19.09 -21.42 0.55
CA GLN A 385 -19.48 -22.77 0.98
C GLN A 385 -18.85 -23.84 0.09
N GLU A 386 -18.97 -23.72 -1.22
CA GLU A 386 -18.29 -24.66 -2.11
C GLU A 386 -16.76 -24.57 -1.96
N GLY A 387 -16.24 -23.37 -1.69
CA GLY A 387 -14.83 -23.28 -1.37
C GLY A 387 -14.45 -24.18 -0.21
N LEU A 388 -15.17 -24.05 0.92
CA LEU A 388 -14.88 -24.83 2.12
C LEU A 388 -15.04 -26.32 1.87
N ARG A 389 -16.09 -26.73 1.16
CA ARG A 389 -16.27 -28.15 0.90
C ARG A 389 -15.02 -28.75 0.27
N VAL A 390 -14.48 -28.10 -0.77
CA VAL A 390 -13.36 -28.68 -1.51
C VAL A 390 -12.09 -28.69 -0.65
N MET A 391 -11.98 -27.80 0.34
CA MET A 391 -10.86 -27.88 1.26
C MET A 391 -11.02 -29.08 2.19
N GLY A 392 -12.22 -29.25 2.76
CA GLY A 392 -12.47 -30.44 3.56
C GLY A 392 -12.25 -31.71 2.77
N GLU A 393 -12.66 -31.71 1.48
CA GLU A 393 -12.63 -32.91 0.65
C GLU A 393 -11.20 -33.36 0.36
N VAL A 394 -10.33 -32.43 -0.03
CA VAL A 394 -8.94 -32.78 -0.26
C VAL A 394 -8.30 -33.21 1.04
N GLY A 395 -8.72 -32.63 2.16
CA GLY A 395 -8.18 -33.03 3.46
C GLY A 395 -8.38 -34.51 3.72
N LYS A 396 -9.59 -35.01 3.47
CA LYS A 396 -9.83 -36.44 3.64
C LYS A 396 -9.03 -37.24 2.61
N THR A 397 -9.22 -36.93 1.33
CA THR A 397 -8.66 -37.72 0.24
C THR A 397 -7.12 -37.71 0.21
N THR A 398 -6.45 -37.01 1.11
CA THR A 398 -4.99 -37.05 1.16
C THR A 398 -4.47 -37.48 2.52
N GLY A 399 -5.32 -37.54 3.55
CA GLY A 399 -4.86 -37.80 4.90
C GLY A 399 -4.36 -36.58 5.63
N ILE A 400 -4.11 -35.48 4.92
CA ILE A 400 -3.68 -34.25 5.55
C ILE A 400 -4.78 -33.80 6.51
N PRO A 401 -4.46 -33.09 7.60
CA PRO A 401 -5.52 -32.56 8.47
C PRO A 401 -5.82 -31.12 8.19
N ILE A 402 -7.02 -30.87 7.67
CA ILE A 402 -7.45 -29.54 7.27
C ILE A 402 -8.67 -29.18 8.10
N HIS A 403 -8.62 -28.02 8.74
CA HIS A 403 -9.67 -27.59 9.64
C HIS A 403 -10.34 -26.36 9.02
N VAL A 404 -11.57 -26.55 8.53
CA VAL A 404 -12.23 -25.60 7.64
C VAL A 404 -13.30 -24.84 8.40
N PHE A 405 -13.19 -23.50 8.43
CA PHE A 405 -14.09 -22.59 9.12
C PHE A 405 -14.63 -21.51 8.18
N GLY A 406 -15.75 -20.89 8.57
CA GLY A 406 -16.48 -19.96 7.73
C GLY A 406 -16.80 -18.62 8.40
N THR A 407 -17.83 -17.93 7.93
CA THR A 407 -18.15 -16.60 8.45
C THR A 407 -18.55 -16.64 9.92
N GLU A 408 -18.84 -17.82 10.49
CA GLU A 408 -19.30 -17.91 11.87
C GLU A 408 -18.16 -17.87 12.88
N THR A 409 -16.96 -18.22 12.45
CA THR A 409 -15.76 -18.06 13.25
C THR A 409 -15.22 -16.64 13.06
N HIS A 410 -14.74 -16.02 14.13
CA HIS A 410 -13.98 -14.79 13.97
C HIS A 410 -12.75 -14.99 13.09
N MET A 411 -12.44 -13.95 12.31
CA MET A 411 -11.49 -14.10 11.22
C MET A 411 -10.17 -14.71 11.71
N THR A 412 -9.62 -14.16 12.79
CA THR A 412 -8.29 -14.56 13.23
C THR A 412 -8.31 -15.67 14.27
N ALA A 413 -9.48 -16.14 14.68
CA ALA A 413 -9.53 -17.22 15.65
C ALA A 413 -8.63 -18.39 15.26
N ILE A 414 -8.55 -18.68 13.95
CA ILE A 414 -7.84 -19.85 13.48
C ILE A 414 -6.35 -19.77 13.86
N VAL A 415 -5.82 -18.57 14.10
CA VAL A 415 -4.41 -18.45 14.45
C VAL A 415 -4.19 -18.90 15.89
N GLY A 416 -5.02 -18.41 16.82
CA GLY A 416 -5.01 -18.94 18.18
C GLY A 416 -5.12 -20.46 18.19
N MET A 417 -6.06 -21.00 17.39
CA MET A 417 -6.13 -22.45 17.18
C MET A 417 -4.77 -23.00 16.82
N ALA A 418 -4.25 -22.60 15.65
CA ALA A 418 -3.06 -23.22 15.08
C ALA A 418 -1.84 -23.15 16.00
N LEU A 419 -1.88 -22.29 17.03
CA LEU A 419 -0.75 -22.13 17.93
C LEU A 419 -1.01 -22.66 19.33
N GLY A 420 -2.18 -23.24 19.58
CA GLY A 420 -2.46 -23.90 20.83
C GLY A 420 -3.11 -23.04 21.88
N HIS A 421 -3.22 -21.73 21.67
CA HIS A 421 -3.84 -20.91 22.72
C HIS A 421 -5.27 -21.37 23.02
N ARG A 422 -6.00 -21.86 22.02
CA ARG A 422 -7.41 -22.15 22.17
C ARG A 422 -7.75 -23.47 21.49
N PRO A 423 -8.80 -24.16 21.94
CA PRO A 423 -9.18 -25.43 21.33
C PRO A 423 -9.79 -25.25 19.94
N ILE A 424 -9.80 -26.34 19.18
CA ILE A 424 -10.39 -26.37 17.85
C ILE A 424 -11.88 -26.70 18.01
N PRO A 425 -12.79 -25.73 17.82
CA PRO A 425 -14.23 -26.06 17.91
C PRO A 425 -14.75 -26.69 16.63
N GLU A 426 -14.87 -28.01 16.64
CA GLU A 426 -15.41 -28.72 15.49
C GLU A 426 -16.89 -28.44 15.25
N ASN A 427 -17.55 -27.71 16.16
CA ASN A 427 -18.95 -27.35 16.05
C ASN A 427 -19.17 -26.08 15.23
N LEU A 428 -18.14 -25.62 14.52
CA LEU A 428 -18.25 -24.53 13.55
C LEU A 428 -17.75 -24.94 12.17
N TYR A 429 -17.36 -26.19 11.98
CA TYR A 429 -16.84 -26.67 10.71
C TYR A 429 -17.80 -26.36 9.56
N PHE A 430 -17.25 -25.83 8.46
CA PHE A 430 -17.96 -25.50 7.23
C PHE A 430 -19.07 -24.48 7.41
N GLN A 431 -19.23 -23.90 8.60
CA GLN A 431 -20.27 -22.90 8.85
C GLN A 431 -19.74 -21.48 8.59
N LYS B 2 -15.61 18.72 2.50
CA LYS B 2 -16.55 18.92 1.39
C LYS B 2 -17.98 18.67 1.87
N SER B 3 -18.71 17.77 1.20
CA SER B 3 -20.11 17.53 1.57
C SER B 3 -20.22 16.59 2.78
N THR B 4 -21.42 16.58 3.37
CA THR B 4 -21.79 15.66 4.44
C THR B 4 -22.51 14.43 3.91
N THR B 5 -23.56 14.62 3.12
CA THR B 5 -24.24 13.52 2.46
C THR B 5 -23.66 13.33 1.07
N LEU B 6 -23.32 12.08 0.77
CA LEU B 6 -22.84 11.69 -0.54
C LEU B 6 -23.85 10.87 -1.30
N PHE B 7 -24.61 10.02 -0.61
CA PHE B 7 -25.46 9.07 -1.31
C PHE B 7 -26.82 9.10 -0.64
N SER B 8 -27.85 8.82 -1.43
CA SER B 8 -29.17 8.58 -0.89
C SER B 8 -29.78 7.42 -1.66
N ARG B 9 -30.99 7.03 -1.27
CA ARG B 9 -31.79 6.09 -2.04
C ARG B 9 -32.23 6.68 -3.40
N HIS B 10 -31.96 7.94 -3.71
CA HIS B 10 -32.24 8.49 -5.02
C HIS B 10 -30.99 8.73 -5.85
N THR B 11 -29.84 8.44 -5.30
CA THR B 11 -28.59 8.58 -6.03
C THR B 11 -28.60 7.77 -7.32
N LYS B 12 -28.19 8.41 -8.44
CA LYS B 12 -28.00 7.73 -9.71
C LYS B 12 -26.53 7.79 -10.13
N ALA B 13 -25.98 6.70 -10.63
CA ALA B 13 -24.56 6.67 -10.95
C ALA B 13 -24.32 6.35 -12.42
N ILE B 14 -23.18 6.84 -12.89
CA ILE B 14 -22.53 6.36 -14.11
C ILE B 14 -21.38 5.45 -13.71
N VAL B 15 -21.29 4.31 -14.37
CA VAL B 15 -20.17 3.40 -14.21
C VAL B 15 -19.26 3.56 -15.44
N TRP B 16 -18.00 3.88 -15.22
CA TRP B 16 -17.02 3.85 -16.30
C TRP B 16 -16.42 2.44 -16.35
N GLY B 17 -16.67 1.73 -17.45
CA GLY B 17 -16.17 0.37 -17.62
C GLY B 17 -17.19 -0.71 -17.82
N MET B 18 -16.73 -1.85 -18.36
CA MET B 18 -17.57 -2.98 -18.76
C MET B 18 -17.66 -3.99 -17.61
N GLN B 19 -18.34 -3.57 -16.57
CA GLN B 19 -18.34 -4.31 -15.32
C GLN B 19 -19.73 -4.82 -15.05
N THR B 20 -20.23 -5.72 -15.89
CA THR B 20 -21.62 -6.12 -15.78
C THR B 20 -21.86 -6.85 -14.47
N ARG B 21 -20.84 -7.54 -13.94
CA ARG B 21 -21.05 -8.21 -12.68
C ARG B 21 -21.20 -7.22 -11.53
N ALA B 22 -20.35 -6.20 -11.46
CA ALA B 22 -20.49 -5.25 -10.37
C ALA B 22 -21.79 -4.46 -10.48
N VAL B 23 -22.21 -4.13 -11.71
CA VAL B 23 -23.45 -3.36 -11.89
C VAL B 23 -24.64 -4.20 -11.49
N GLN B 24 -24.67 -5.45 -11.94
CA GLN B 24 -25.77 -6.31 -11.55
C GLN B 24 -25.84 -6.44 -10.03
N GLY B 25 -24.69 -6.53 -9.38
CA GLY B 25 -24.67 -6.67 -7.92
C GLY B 25 -25.20 -5.43 -7.24
N MET B 26 -24.88 -4.26 -7.78
CA MET B 26 -25.50 -3.04 -7.31
C MET B 26 -27.02 -3.13 -7.44
N LEU B 27 -27.53 -3.53 -8.62
CA LEU B 27 -29.00 -3.54 -8.80
C LEU B 27 -29.67 -4.51 -7.86
N ASP B 28 -29.05 -5.67 -7.61
CA ASP B 28 -29.59 -6.58 -6.60
C ASP B 28 -29.69 -5.92 -5.24
N PHE B 29 -28.63 -5.21 -4.84
CA PHE B 29 -28.66 -4.41 -3.62
C PHE B 29 -29.82 -3.43 -3.65
N ASP B 30 -29.92 -2.68 -4.74
CA ASP B 30 -31.02 -1.72 -4.89
C ASP B 30 -32.37 -2.36 -4.64
N TYR B 31 -32.63 -3.48 -5.33
CA TYR B 31 -33.92 -4.14 -5.25
C TYR B 31 -34.27 -4.55 -3.81
N VAL B 32 -33.35 -5.18 -3.06
CA VAL B 32 -33.74 -5.57 -1.69
C VAL B 32 -33.76 -4.40 -0.76
N CYS B 33 -33.08 -3.30 -1.08
CA CYS B 33 -33.26 -2.09 -0.28
C CYS B 33 -34.52 -1.33 -0.65
N SER B 34 -35.34 -1.89 -1.55
CA SER B 34 -36.62 -1.28 -1.89
C SER B 34 -36.43 0.11 -2.47
N ARG B 35 -35.35 0.29 -3.24
CA ARG B 35 -35.17 1.51 -4.00
C ARG B 35 -36.22 1.61 -5.10
N ASP B 36 -36.63 2.83 -5.43
CA ASP B 36 -37.63 2.98 -6.50
C ASP B 36 -37.03 2.67 -7.85
N GLU B 37 -35.74 2.91 -8.04
CA GLU B 37 -35.11 2.81 -9.34
C GLU B 37 -33.70 2.28 -9.20
N PRO B 38 -33.18 1.62 -10.23
CA PRO B 38 -31.77 1.23 -10.23
C PRO B 38 -30.87 2.41 -9.91
N SER B 39 -29.76 2.12 -9.23
CA SER B 39 -28.76 3.15 -8.93
C SER B 39 -27.82 3.42 -10.10
N VAL B 40 -27.79 2.58 -11.14
CA VAL B 40 -26.91 2.79 -12.30
C VAL B 40 -27.77 3.30 -13.44
N ALA B 41 -27.61 4.59 -13.75
CA ALA B 41 -28.30 5.19 -14.87
C ALA B 41 -27.67 4.79 -16.20
N ALA B 42 -26.35 4.60 -16.22
CA ALA B 42 -25.68 4.36 -17.50
C ALA B 42 -24.24 3.93 -17.27
N MET B 43 -23.66 3.36 -18.32
CA MET B 43 -22.26 2.97 -18.38
C MET B 43 -21.55 3.68 -19.55
N VAL B 44 -20.31 4.07 -19.31
CA VAL B 44 -19.42 4.56 -20.37
C VAL B 44 -18.37 3.50 -20.68
N TYR B 45 -18.24 3.15 -21.96
CA TYR B 45 -17.15 2.25 -22.36
C TYR B 45 -16.59 2.77 -23.69
N PRO B 46 -15.35 3.29 -23.72
CA PRO B 46 -14.80 3.77 -24.99
C PRO B 46 -14.52 2.67 -25.99
N PHE B 47 -14.33 1.44 -25.52
CA PHE B 47 -13.93 0.36 -26.41
C PHE B 47 -15.05 -0.15 -27.27
N THR B 48 -16.27 0.40 -27.14
CA THR B 48 -17.42 0.03 -27.94
C THR B 48 -18.21 1.30 -28.22
N GLY B 49 -19.17 1.20 -29.13
CA GLY B 49 -20.03 2.32 -29.45
C GLY B 49 -21.29 2.29 -28.59
N ASP B 50 -22.03 3.40 -28.63
CA ASP B 50 -23.32 3.54 -27.94
C ASP B 50 -24.19 2.31 -28.14
N HIS B 51 -24.58 1.65 -27.04
CA HIS B 51 -25.45 0.48 -27.12
C HIS B 51 -26.25 0.35 -25.81
N LYS B 52 -26.74 -0.87 -25.53
CA LYS B 52 -27.61 -1.18 -24.38
C LYS B 52 -27.25 -2.56 -23.84
N GLN B 53 -27.19 -2.68 -22.53
CA GLN B 53 -26.86 -3.93 -21.85
C GLN B 53 -28.09 -4.46 -21.09
N LYS B 54 -28.27 -5.78 -21.13
CA LYS B 54 -29.28 -6.44 -20.31
C LYS B 54 -28.85 -6.47 -18.86
N PHE B 55 -29.81 -6.27 -17.98
CA PHE B 55 -29.60 -6.42 -16.55
C PHE B 55 -30.90 -6.91 -15.92
N TYR B 56 -30.81 -7.40 -14.70
CA TYR B 56 -32.02 -7.89 -14.06
C TYR B 56 -32.38 -6.95 -12.92
N TRP B 57 -33.61 -6.42 -12.95
CA TRP B 57 -34.17 -5.66 -11.83
C TRP B 57 -35.15 -6.60 -11.18
N GLY B 58 -34.76 -7.16 -10.05
CA GLY B 58 -35.49 -8.31 -9.57
C GLY B 58 -35.54 -9.33 -10.70
N HIS B 59 -36.72 -9.83 -11.00
CA HIS B 59 -36.86 -10.86 -12.02
C HIS B 59 -37.04 -10.27 -13.41
N LYS B 60 -37.08 -8.95 -13.53
CA LYS B 60 -37.44 -8.29 -14.76
C LYS B 60 -36.16 -7.93 -15.48
N GLU B 61 -36.07 -8.33 -16.75
CA GLU B 61 -34.96 -7.89 -17.58
C GLU B 61 -35.15 -6.40 -17.91
N ILE B 62 -34.09 -5.62 -17.79
CA ILE B 62 -34.16 -4.22 -18.10
C ILE B 62 -32.89 -3.87 -18.86
N LEU B 63 -32.80 -2.58 -19.25
CA LEU B 63 -31.78 -2.09 -20.14
C LEU B 63 -31.07 -0.90 -19.53
N ILE B 64 -29.76 -0.96 -19.49
CA ILE B 64 -28.92 0.17 -19.12
C ILE B 64 -28.24 0.63 -20.39
N PRO B 65 -28.22 1.93 -20.68
CA PRO B 65 -27.51 2.42 -21.86
C PRO B 65 -26.01 2.49 -21.60
N VAL B 66 -25.25 1.95 -22.54
CA VAL B 66 -23.80 2.07 -22.59
C VAL B 66 -23.43 3.09 -23.65
N PHE B 67 -22.63 4.07 -23.27
CA PHE B 67 -22.18 5.13 -24.15
C PHE B 67 -20.69 4.97 -24.44
N LYS B 68 -20.30 5.35 -25.66
CA LYS B 68 -18.89 5.43 -25.95
C LYS B 68 -18.28 6.70 -25.37
N ASN B 69 -19.02 7.81 -25.35
CA ASN B 69 -18.48 9.10 -24.93
C ASN B 69 -19.09 9.47 -23.60
N MET B 70 -18.25 9.99 -22.71
CA MET B 70 -18.76 10.44 -21.43
C MET B 70 -19.71 11.63 -21.59
N ALA B 71 -19.46 12.49 -22.57
CA ALA B 71 -20.26 13.69 -22.71
C ALA B 71 -21.69 13.36 -23.10
N ASP B 72 -21.89 12.27 -23.83
CA ASP B 72 -23.26 11.85 -24.13
C ASP B 72 -23.94 11.38 -22.86
N ALA B 73 -23.30 10.44 -22.17
CA ALA B 73 -23.92 9.89 -20.97
C ALA B 73 -24.31 11.00 -20.01
N MET B 74 -23.45 11.98 -19.83
CA MET B 74 -23.74 13.05 -18.88
C MET B 74 -24.96 13.84 -19.34
N ARG B 75 -24.99 14.20 -20.63
CA ARG B 75 -26.03 15.08 -21.15
C ARG B 75 -27.40 14.40 -21.12
N LYS B 76 -27.45 13.12 -21.43
CA LYS B 76 -28.68 12.34 -21.36
C LYS B 76 -29.14 12.13 -19.92
N HIS B 77 -28.22 11.91 -18.99
CA HIS B 77 -28.61 11.57 -17.61
C HIS B 77 -28.14 12.64 -16.63
N PRO B 78 -28.75 13.83 -16.66
CA PRO B 78 -28.35 14.92 -15.76
C PRO B 78 -28.68 14.70 -14.30
N GLU B 79 -29.44 13.64 -13.98
CA GLU B 79 -29.72 13.20 -12.62
C GLU B 79 -28.52 12.54 -11.95
N VAL B 80 -27.47 12.23 -12.70
CA VAL B 80 -26.34 11.51 -12.15
C VAL B 80 -25.44 12.50 -11.42
N ASP B 81 -25.12 12.21 -10.15
CA ASP B 81 -24.13 13.02 -9.44
C ASP B 81 -22.95 12.20 -8.94
N VAL B 82 -22.89 10.91 -9.25
CA VAL B 82 -21.81 10.03 -8.84
C VAL B 82 -21.28 9.29 -10.06
N LEU B 83 -19.96 9.09 -10.12
CA LEU B 83 -19.36 8.19 -11.09
C LEU B 83 -18.47 7.17 -10.39
N ILE B 84 -18.64 5.90 -10.75
CA ILE B 84 -17.78 4.85 -10.26
C ILE B 84 -16.84 4.46 -11.38
N ASN B 85 -15.58 4.79 -11.21
CA ASN B 85 -14.57 4.63 -12.27
C ASN B 85 -13.79 3.32 -12.11
N PHE B 86 -14.15 2.33 -12.95
CA PHE B 86 -13.42 1.09 -13.10
C PHE B 86 -12.36 1.15 -14.20
N ALA B 87 -11.96 2.33 -14.64
CA ALA B 87 -10.89 2.41 -15.63
C ALA B 87 -9.62 1.79 -15.07
N SER B 88 -8.89 1.10 -15.94
CA SER B 88 -7.58 0.55 -15.56
C SER B 88 -6.66 1.67 -15.12
N LEU B 89 -5.55 1.28 -14.49
CA LEU B 89 -4.68 2.28 -13.89
C LEU B 89 -4.22 3.29 -14.93
N ARG B 90 -3.98 2.83 -16.18
CA ARG B 90 -3.42 3.71 -17.19
C ARG B 90 -4.39 4.83 -17.52
N SER B 91 -5.69 4.50 -17.61
CA SER B 91 -6.75 5.42 -18.04
C SER B 91 -7.41 6.18 -16.90
N ALA B 92 -7.21 5.75 -15.66
CA ALA B 92 -8.04 6.29 -14.58
C ALA B 92 -7.82 7.78 -14.40
N TYR B 93 -6.58 8.21 -14.48
CA TYR B 93 -6.26 9.62 -14.31
C TYR B 93 -7.01 10.46 -15.34
N ASP B 94 -6.91 10.09 -16.61
CA ASP B 94 -7.53 10.89 -17.67
C ASP B 94 -9.03 10.93 -17.49
N SER B 95 -9.64 9.77 -17.35
CA SER B 95 -11.09 9.76 -17.26
C SER B 95 -11.56 10.50 -16.01
N THR B 96 -10.77 10.47 -14.94
CA THR B 96 -11.22 11.10 -13.69
C THR B 96 -11.13 12.62 -13.78
N MET B 97 -10.01 13.14 -14.29
CA MET B 97 -9.95 14.55 -14.67
C MET B 97 -11.11 14.96 -15.55
N GLU B 98 -11.46 14.12 -16.55
CA GLU B 98 -12.54 14.52 -17.46
C GLU B 98 -13.88 14.53 -16.73
N THR B 99 -14.11 13.56 -15.85
CA THR B 99 -15.35 13.57 -15.08
C THR B 99 -15.54 14.88 -14.35
N MET B 100 -14.47 15.42 -13.79
CA MET B 100 -14.59 16.63 -13.00
C MET B 100 -14.73 17.88 -13.85
N ASN B 101 -14.83 17.73 -15.18
CA ASN B 101 -15.33 18.82 -16.01
C ASN B 101 -16.85 18.91 -16.03
N TYR B 102 -17.55 17.98 -15.38
CA TYR B 102 -19.00 17.92 -15.37
C TYR B 102 -19.49 18.25 -13.99
N ALA B 103 -20.00 19.46 -13.82
CA ALA B 103 -20.39 19.96 -12.50
C ALA B 103 -21.45 19.10 -11.82
N GLN B 104 -22.20 18.30 -12.57
CA GLN B 104 -23.20 17.45 -11.93
C GLN B 104 -22.56 16.39 -11.03
N ILE B 105 -21.33 15.99 -11.31
CA ILE B 105 -20.71 14.92 -10.54
C ILE B 105 -20.14 15.48 -9.25
N ARG B 106 -20.65 15.00 -8.12
CA ARG B 106 -20.19 15.41 -6.79
C ARG B 106 -19.31 14.39 -6.09
N THR B 107 -19.41 13.12 -6.47
CA THR B 107 -18.61 12.07 -5.88
C THR B 107 -18.06 11.19 -6.99
N ILE B 108 -16.78 10.78 -6.87
CA ILE B 108 -16.16 9.83 -7.78
C ILE B 108 -15.56 8.72 -6.95
N ALA B 109 -15.89 7.47 -7.27
CA ALA B 109 -15.13 6.36 -6.75
C ALA B 109 -14.09 5.95 -7.78
N ILE B 110 -12.85 5.82 -7.35
CA ILE B 110 -11.78 5.37 -8.23
C ILE B 110 -11.38 3.99 -7.78
N ILE B 111 -11.66 2.98 -8.61
CA ILE B 111 -11.43 1.61 -8.16
C ILE B 111 -9.95 1.18 -8.34
N ALA B 112 -9.28 1.67 -9.36
CA ALA B 112 -8.02 1.06 -9.78
C ALA B 112 -6.91 1.19 -8.76
N GLU B 113 -6.18 0.09 -8.58
CA GLU B 113 -4.89 0.16 -7.90
C GLU B 113 -3.77 0.34 -8.92
N GLY B 114 -2.74 1.07 -8.53
CA GLY B 114 -1.57 1.26 -9.36
C GLY B 114 -1.44 2.63 -9.99
N ILE B 115 -2.28 3.58 -9.62
CA ILE B 115 -2.15 4.93 -10.15
C ILE B 115 -0.96 5.61 -9.51
N PRO B 116 0.00 6.15 -10.28
CA PRO B 116 1.09 6.92 -9.67
C PRO B 116 0.60 8.00 -8.71
N GLU B 117 1.35 8.16 -7.63
CA GLU B 117 0.99 9.09 -6.58
C GLU B 117 0.99 10.52 -7.09
N ALA B 118 1.93 10.85 -7.97
CA ALA B 118 1.97 12.20 -8.50
C ALA B 118 0.71 12.52 -9.26
N LEU B 119 0.10 11.52 -9.89
CA LEU B 119 -1.16 11.77 -10.58
C LEU B 119 -2.30 11.90 -9.58
N THR B 120 -2.36 11.01 -8.59
CA THR B 120 -3.42 11.14 -7.61
C THR B 120 -3.36 12.49 -6.92
N ARG B 121 -2.16 13.03 -6.70
CA ARG B 121 -2.15 14.34 -6.05
C ARG B 121 -2.84 15.37 -6.90
N LYS B 122 -2.61 15.33 -8.23
CA LYS B 122 -3.27 16.26 -9.15
C LYS B 122 -4.79 16.06 -9.13
N LEU B 123 -5.24 14.80 -9.07
CA LEU B 123 -6.66 14.55 -8.98
C LEU B 123 -7.22 15.23 -7.74
N ILE B 124 -6.46 15.17 -6.66
CA ILE B 124 -6.89 15.72 -5.39
C ILE B 124 -6.93 17.22 -5.44
N LYS B 125 -5.94 17.85 -6.11
CA LYS B 125 -5.98 19.31 -6.23
C LYS B 125 -7.24 19.74 -6.94
N LYS B 126 -7.62 19.03 -7.99
CA LYS B 126 -8.75 19.45 -8.81
C LYS B 126 -10.06 19.11 -8.10
N ALA B 127 -10.14 17.92 -7.50
CA ALA B 127 -11.32 17.59 -6.69
C ALA B 127 -11.53 18.62 -5.60
N ASP B 128 -10.44 18.94 -4.88
CA ASP B 128 -10.51 19.94 -3.81
C ASP B 128 -11.00 21.26 -4.36
N GLN B 129 -10.55 21.59 -5.56
CA GLN B 129 -10.96 22.83 -6.22
C GLN B 129 -12.47 22.85 -6.47
N LYS B 130 -13.02 21.75 -6.94
CA LYS B 130 -14.40 21.71 -7.39
C LYS B 130 -15.37 21.28 -6.29
N GLY B 131 -14.89 20.93 -5.12
CA GLY B 131 -15.74 20.36 -4.08
C GLY B 131 -16.15 18.92 -4.29
N VAL B 132 -15.49 18.22 -5.22
CA VAL B 132 -15.85 16.84 -5.55
C VAL B 132 -15.20 15.89 -4.56
N THR B 133 -15.95 14.90 -4.13
CA THR B 133 -15.46 13.94 -3.17
C THR B 133 -14.91 12.73 -3.90
N ILE B 134 -13.63 12.42 -3.68
CA ILE B 134 -12.99 11.25 -4.27
C ILE B 134 -12.91 10.20 -3.21
N ILE B 135 -13.44 9.02 -3.49
CA ILE B 135 -13.22 7.84 -2.69
C ILE B 135 -12.27 6.92 -3.47
N GLY B 136 -11.06 6.70 -2.94
CA GLY B 136 -10.08 5.94 -3.69
C GLY B 136 -8.87 6.79 -3.88
N PRO B 137 -7.89 6.34 -4.70
CA PRO B 137 -8.00 5.11 -5.50
C PRO B 137 -7.75 3.80 -4.76
N ALA B 138 -7.73 2.73 -5.54
CA ALA B 138 -7.44 1.40 -5.03
C ALA B 138 -8.43 1.03 -3.94
N THR B 139 -9.70 1.16 -4.23
CA THR B 139 -10.67 0.81 -3.23
C THR B 139 -11.79 0.05 -3.90
N VAL B 140 -12.42 -0.82 -3.12
CA VAL B 140 -13.67 -1.40 -3.55
C VAL B 140 -14.83 -0.42 -3.45
N GLY B 141 -14.72 0.62 -2.61
CA GLY B 141 -15.73 1.69 -2.56
C GLY B 141 -16.36 1.93 -1.18
N GLY B 142 -17.53 1.35 -0.96
CA GLY B 142 -18.28 1.67 0.23
C GLY B 142 -19.72 1.32 0.01
N ILE B 143 -20.50 1.41 1.08
CA ILE B 143 -21.89 0.99 1.00
C ILE B 143 -22.70 1.79 1.99
N LYS B 144 -23.83 2.31 1.53
CA LYS B 144 -24.74 3.02 2.42
C LYS B 144 -26.00 2.21 2.48
N PRO B 145 -26.16 1.36 3.49
CA PRO B 145 -27.34 0.50 3.52
C PRO B 145 -28.64 1.27 3.37
N GLY B 146 -29.58 0.65 2.65
CA GLY B 146 -30.82 1.28 2.22
C GLY B 146 -30.68 2.23 1.05
N CYS B 147 -29.46 2.59 0.66
CA CYS B 147 -29.34 3.74 -0.21
C CYS B 147 -28.57 3.49 -1.49
N PHE B 148 -27.35 2.94 -1.35
CA PHE B 148 -26.41 2.92 -2.43
C PHE B 148 -25.18 2.09 -2.07
N LYS B 149 -24.64 1.42 -3.07
CA LYS B 149 -23.49 0.52 -2.95
C LYS B 149 -22.55 0.80 -4.12
N ILE B 150 -21.28 1.07 -3.83
CA ILE B 150 -20.26 1.30 -4.85
C ILE B 150 -19.74 -0.03 -5.36
N GLY B 151 -20.09 -0.37 -6.58
CA GLY B 151 -19.49 -1.49 -7.24
C GLY B 151 -19.71 -2.82 -6.54
N ASN B 152 -18.62 -3.52 -6.34
CA ASN B 152 -18.63 -4.85 -5.75
C ASN B 152 -18.81 -4.83 -4.25
N THR B 153 -18.72 -3.65 -3.62
CA THR B 153 -18.74 -3.57 -2.17
C THR B 153 -19.83 -4.44 -1.59
N GLY B 154 -19.49 -5.24 -0.58
CA GLY B 154 -20.50 -6.03 0.09
C GLY B 154 -20.97 -7.28 -0.65
N GLY B 155 -20.46 -7.55 -1.85
CA GLY B 155 -20.66 -8.85 -2.46
C GLY B 155 -22.09 -9.10 -2.90
N MET B 156 -22.44 -10.37 -2.96
CA MET B 156 -23.71 -10.75 -3.53
C MET B 156 -24.84 -10.68 -2.49
N LEU B 157 -26.03 -10.99 -2.94
CA LEU B 157 -27.20 -10.76 -2.11
C LEU B 157 -27.09 -11.48 -0.78
N ASP B 158 -26.61 -12.72 -0.80
CA ASP B 158 -26.62 -13.51 0.42
C ASP B 158 -25.84 -12.82 1.53
N ASN B 159 -24.83 -12.05 1.17
CA ASN B 159 -24.08 -11.33 2.17
C ASN B 159 -24.77 -10.05 2.56
N ILE B 160 -25.39 -9.37 1.60
CA ILE B 160 -26.19 -8.20 1.93
C ILE B 160 -27.23 -8.57 2.98
N LEU B 161 -27.87 -9.72 2.79
CA LEU B 161 -28.87 -10.16 3.76
C LEU B 161 -28.21 -10.62 5.06
N ALA B 162 -27.11 -11.37 4.96
CA ALA B 162 -26.45 -11.86 6.17
C ALA B 162 -26.09 -10.70 7.08
N SER B 163 -25.49 -9.65 6.53
CA SER B 163 -25.02 -8.56 7.37
C SER B 163 -26.00 -7.42 7.49
N LYS B 164 -27.25 -7.63 7.04
CA LYS B 164 -28.33 -6.67 7.22
C LYS B 164 -27.99 -5.30 6.63
N LEU B 165 -27.41 -5.33 5.43
CA LEU B 165 -26.98 -4.12 4.76
C LEU B 165 -28.08 -3.56 3.91
N TYR B 166 -29.27 -4.15 4.00
CA TYR B 166 -30.45 -3.62 3.34
C TYR B 166 -31.20 -2.55 4.14
N ARG B 167 -30.84 -2.28 5.40
CA ARG B 167 -31.33 -1.09 6.10
C ARG B 167 -30.25 -0.51 7.00
N PRO B 168 -30.27 0.80 7.20
CA PRO B 168 -29.24 1.43 8.06
C PRO B 168 -29.45 1.16 9.56
N GLY B 169 -28.34 0.89 10.25
CA GLY B 169 -28.28 0.99 11.70
C GLY B 169 -27.76 2.35 12.08
N SER B 170 -26.99 2.40 13.14
CA SER B 170 -26.48 3.67 13.65
C SER B 170 -24.96 3.75 13.63
N VAL B 171 -24.27 2.76 13.10
CA VAL B 171 -22.80 2.67 13.19
C VAL B 171 -22.20 2.96 11.82
N ALA B 172 -21.43 4.04 11.72
CA ALA B 172 -20.68 4.31 10.50
C ALA B 172 -19.25 3.89 10.68
N TYR B 173 -18.59 3.61 9.56
CA TYR B 173 -17.19 3.27 9.63
C TYR B 173 -16.44 3.78 8.43
N VAL B 174 -15.13 3.88 8.63
CA VAL B 174 -14.21 4.14 7.55
C VAL B 174 -13.02 3.21 7.70
N SER B 175 -12.61 2.64 6.58
CA SER B 175 -11.53 1.68 6.53
C SER B 175 -10.58 2.05 5.40
N ARG B 176 -9.30 1.69 5.56
CA ARG B 176 -8.44 1.68 4.41
C ARG B 176 -8.62 0.43 3.58
N SER B 177 -9.01 -0.69 4.20
CA SER B 177 -9.06 -1.95 3.48
C SER B 177 -10.46 -2.26 2.94
N GLY B 178 -10.50 -2.79 1.72
CA GLY B 178 -11.72 -3.16 1.08
C GLY B 178 -12.27 -4.45 1.61
N GLY B 179 -11.44 -5.48 1.66
CA GLY B 179 -11.89 -6.76 2.20
C GLY B 179 -12.26 -6.64 3.67
N MET B 180 -11.45 -5.92 4.43
CA MET B 180 -11.79 -5.73 5.81
C MET B 180 -13.04 -4.87 5.99
N SER B 181 -13.41 -4.04 5.01
CA SER B 181 -14.67 -3.32 5.18
C SER B 181 -15.83 -4.30 5.22
N ASN B 182 -15.73 -5.40 4.47
CA ASN B 182 -16.80 -6.39 4.52
C ASN B 182 -16.75 -7.18 5.79
N GLU B 183 -15.57 -7.28 6.42
CA GLU B 183 -15.49 -7.87 7.75
C GLU B 183 -16.15 -6.97 8.77
N LEU B 184 -15.88 -5.65 8.68
CA LEU B 184 -16.56 -4.71 9.56
C LEU B 184 -18.06 -4.80 9.39
N ASN B 185 -18.54 -4.79 8.13
CA ASN B 185 -19.95 -5.03 7.90
C ASN B 185 -20.43 -6.19 8.77
N ASN B 186 -19.68 -7.28 8.76
CA ASN B 186 -20.10 -8.50 9.45
C ASN B 186 -20.02 -8.31 10.97
N ILE B 187 -18.95 -7.69 11.45
CA ILE B 187 -18.79 -7.51 12.90
C ILE B 187 -19.84 -6.54 13.42
N ILE B 188 -19.97 -5.38 12.78
CA ILE B 188 -20.93 -4.38 13.24
C ILE B 188 -22.32 -4.96 13.24
N SER B 189 -22.66 -5.75 12.22
CA SER B 189 -24.05 -6.20 12.17
C SER B 189 -24.31 -7.25 13.23
N ARG B 190 -23.28 -7.95 13.65
CA ARG B 190 -23.44 -8.91 14.75
C ARG B 190 -23.37 -8.27 16.13
N THR B 191 -22.90 -7.03 16.27
CA THR B 191 -22.72 -6.38 17.57
C THR B 191 -23.56 -5.13 17.80
N THR B 192 -24.28 -4.64 16.79
CA THR B 192 -25.01 -3.41 16.93
C THR B 192 -26.27 -3.57 16.12
N ASP B 193 -26.99 -2.45 15.92
CA ASP B 193 -28.11 -2.43 14.99
C ASP B 193 -27.65 -2.32 13.55
N GLY B 194 -26.32 -2.28 13.30
CA GLY B 194 -25.77 -2.43 11.97
C GLY B 194 -25.23 -1.13 11.39
N VAL B 195 -24.77 -1.24 10.14
CA VAL B 195 -24.06 -0.15 9.47
C VAL B 195 -25.05 0.88 8.99
N TYR B 196 -24.73 2.15 9.24
CA TYR B 196 -25.38 3.26 8.59
C TYR B 196 -24.71 3.58 7.27
N GLU B 197 -23.39 3.72 7.29
CA GLU B 197 -22.60 4.01 6.10
C GLU B 197 -21.19 3.53 6.37
N GLY B 198 -20.56 2.97 5.33
CA GLY B 198 -19.20 2.50 5.35
C GLY B 198 -18.48 2.89 4.06
N VAL B 199 -17.25 3.33 4.23
CA VAL B 199 -16.40 3.78 3.13
C VAL B 199 -15.04 3.14 3.32
N ALA B 200 -14.50 2.61 2.23
CA ALA B 200 -13.11 2.20 2.14
C ALA B 200 -12.35 3.28 1.41
N ILE B 201 -11.38 3.92 2.07
CA ILE B 201 -10.68 5.02 1.41
C ILE B 201 -9.54 4.54 0.53
N GLY B 202 -9.29 3.23 0.53
CA GLY B 202 -8.24 2.66 -0.29
C GLY B 202 -6.91 2.72 0.41
N GLY B 203 -5.95 1.99 -0.15
CA GLY B 203 -4.66 1.86 0.46
C GLY B 203 -3.59 2.79 -0.05
N ASP B 204 -3.92 3.80 -0.83
CA ASP B 204 -2.83 4.47 -1.51
C ASP B 204 -2.19 5.51 -0.58
N ARG B 205 -0.97 5.93 -0.91
CA ARG B 205 -0.33 6.95 -0.06
C ARG B 205 -1.25 8.15 0.14
N TYR B 206 -1.82 8.68 -0.94
CA TYR B 206 -2.65 9.87 -0.84
C TYR B 206 -4.06 9.47 -1.22
N PRO B 207 -4.91 9.10 -0.28
CA PRO B 207 -6.26 8.72 -0.67
C PRO B 207 -7.04 9.98 -1.04
N GLY B 208 -8.02 9.80 -1.92
CA GLY B 208 -8.76 10.97 -2.42
C GLY B 208 -9.55 11.67 -1.33
N SER B 209 -10.10 10.89 -0.41
CA SER B 209 -10.68 11.41 0.81
C SER B 209 -10.06 10.65 1.97
N THR B 210 -9.69 11.37 3.02
CA THR B 210 -9.00 10.78 4.16
C THR B 210 -9.96 10.33 5.24
N PHE B 211 -9.40 9.69 6.26
CA PHE B 211 -10.20 9.28 7.41
C PHE B 211 -10.97 10.45 7.98
N MET B 212 -10.27 11.52 8.31
CA MET B 212 -10.93 12.65 8.92
C MET B 212 -12.00 13.18 7.99
N ASP B 213 -11.77 13.15 6.66
CA ASP B 213 -12.83 13.63 5.77
C ASP B 213 -14.15 12.94 6.11
N HIS B 214 -14.12 11.63 6.22
CA HIS B 214 -15.37 10.94 6.46
C HIS B 214 -15.78 11.00 7.93
N VAL B 215 -14.82 10.95 8.85
CA VAL B 215 -15.17 11.02 10.27
C VAL B 215 -16.04 12.24 10.54
N LEU B 216 -15.66 13.38 9.97
CA LEU B 216 -16.44 14.61 10.10
C LEU B 216 -17.83 14.46 9.47
N ARG B 217 -17.92 14.02 8.21
CA ARG B 217 -19.23 13.77 7.65
C ARG B 217 -20.08 13.00 8.64
N TYR B 218 -19.50 11.99 9.27
CA TYR B 218 -20.30 11.14 10.16
C TYR B 218 -20.69 11.88 11.42
N GLN B 219 -19.78 12.66 11.97
CA GLN B 219 -20.08 13.46 13.14
C GLN B 219 -21.29 14.36 12.89
N ASP B 220 -21.53 14.75 11.64
CA ASP B 220 -22.59 15.68 11.28
C ASP B 220 -23.83 15.01 10.71
N THR B 221 -23.84 13.69 10.65
CA THR B 221 -25.01 12.95 10.23
C THR B 221 -25.77 12.50 11.46
N PRO B 222 -27.00 12.97 11.67
CA PRO B 222 -27.70 12.63 12.90
C PRO B 222 -28.08 11.17 12.95
N GLY B 223 -28.24 10.51 11.83
CA GLY B 223 -28.42 9.08 11.90
C GLY B 223 -27.21 8.35 12.49
N VAL B 224 -26.04 8.98 12.50
CA VAL B 224 -24.82 8.33 12.98
C VAL B 224 -24.69 8.63 14.49
N LYS B 225 -24.65 7.57 15.28
CA LYS B 225 -24.46 7.65 16.72
C LYS B 225 -23.11 7.14 17.19
N MET B 226 -22.42 6.35 16.37
CA MET B 226 -21.05 6.01 16.71
C MET B 226 -20.29 5.72 15.41
N ILE B 227 -19.00 5.75 15.54
CA ILE B 227 -18.10 5.73 14.42
C ILE B 227 -17.01 4.72 14.70
N VAL B 228 -16.71 3.92 13.70
CA VAL B 228 -15.62 2.96 13.78
C VAL B 228 -14.62 3.32 12.71
N VAL B 229 -13.32 3.22 13.05
CA VAL B 229 -12.23 3.51 12.11
C VAL B 229 -11.25 2.35 12.13
N LEU B 230 -10.99 1.76 10.96
CA LEU B 230 -9.98 0.71 10.87
C LEU B 230 -8.76 1.36 10.23
N GLY B 231 -7.89 1.88 11.06
CA GLY B 231 -6.68 2.50 10.60
C GLY B 231 -5.64 1.47 10.18
N GLU B 232 -4.45 1.99 9.90
CA GLU B 232 -3.38 1.20 9.32
C GLU B 232 -2.10 2.00 9.46
N ILE B 233 -1.00 1.28 9.77
CA ILE B 233 0.37 1.77 9.69
C ILE B 233 0.58 2.58 8.44
N GLY B 234 1.31 3.69 8.54
CA GLY B 234 1.61 4.50 7.36
C GLY B 234 0.93 5.85 7.36
N GLY B 235 1.71 6.94 7.21
CA GLY B 235 1.18 8.30 7.31
C GLY B 235 0.71 8.64 8.73
N THR B 236 0.07 9.84 8.88
CA THR B 236 -0.32 10.36 10.18
C THR B 236 -1.78 10.80 10.23
N GLU B 237 -2.60 10.25 9.35
CA GLU B 237 -3.97 10.69 9.25
C GLU B 237 -4.69 10.53 10.58
N GLU B 238 -4.53 9.37 11.20
CA GLU B 238 -5.33 9.05 12.38
C GLU B 238 -5.15 10.09 13.48
N TYR B 239 -4.00 10.74 13.54
CA TYR B 239 -3.82 11.78 14.54
C TYR B 239 -4.85 12.89 14.37
N LYS B 240 -5.35 13.10 13.16
CA LYS B 240 -6.37 14.15 13.02
C LYS B 240 -7.61 13.80 13.80
N ILE B 241 -7.90 12.51 13.99
CA ILE B 241 -8.98 12.13 14.88
C ILE B 241 -8.68 12.65 16.29
N CYS B 242 -7.49 12.38 16.80
CA CYS B 242 -7.13 12.84 18.13
C CYS B 242 -7.32 14.33 18.26
N ARG B 243 -6.86 15.07 17.26
CA ARG B 243 -7.09 16.50 17.21
C ARG B 243 -8.57 16.80 17.26
N GLY B 244 -9.37 16.13 16.42
CA GLY B 244 -10.78 16.49 16.30
C GLY B 244 -11.57 16.28 17.57
N ILE B 245 -11.13 15.34 18.41
CA ILE B 245 -11.74 15.22 19.73
C ILE B 245 -11.24 16.34 20.63
N LYS B 246 -9.92 16.52 20.71
CA LYS B 246 -9.36 17.55 21.57
C LYS B 246 -10.00 18.91 21.31
N GLU B 247 -10.36 19.18 20.07
CA GLU B 247 -10.93 20.47 19.73
C GLU B 247 -12.42 20.55 20.00
N GLY B 248 -13.05 19.45 20.35
CA GLY B 248 -14.48 19.48 20.54
C GLY B 248 -15.27 19.35 19.27
N ARG B 249 -14.60 19.14 18.14
CA ARG B 249 -15.30 18.93 16.89
C ARG B 249 -15.92 17.55 16.84
N LEU B 250 -15.25 16.57 17.39
CA LEU B 250 -15.71 15.19 17.31
C LEU B 250 -16.26 14.82 18.67
N THR B 251 -17.58 14.63 18.78
CA THR B 251 -18.20 14.32 20.04
C THR B 251 -18.76 12.91 20.09
N LYS B 252 -19.11 12.32 18.95
CA LYS B 252 -19.69 10.99 19.01
C LYS B 252 -18.59 9.98 19.35
N PRO B 253 -18.93 8.87 20.03
CA PRO B 253 -17.90 7.88 20.37
C PRO B 253 -17.28 7.35 19.09
N ILE B 254 -15.95 7.21 19.11
CA ILE B 254 -15.20 6.60 18.02
C ILE B 254 -14.47 5.40 18.56
N VAL B 255 -14.66 4.27 17.93
CA VAL B 255 -13.79 3.13 18.11
C VAL B 255 -12.75 3.10 16.98
N CYS B 256 -11.52 2.73 17.31
CA CYS B 256 -10.52 2.64 16.24
C CYS B 256 -9.42 1.66 16.56
N TRP B 257 -8.98 0.95 15.53
CA TRP B 257 -7.85 0.06 15.62
C TRP B 257 -7.03 0.19 14.34
N CYS B 258 -5.73 0.30 14.51
CA CYS B 258 -4.78 0.38 13.39
C CYS B 258 -4.05 -0.94 13.21
N ILE B 259 -4.09 -1.45 11.99
CA ILE B 259 -3.44 -2.71 11.68
C ILE B 259 -2.00 -2.42 11.28
N GLY B 260 -1.15 -3.43 11.38
CA GLY B 260 0.27 -3.26 11.08
C GLY B 260 1.18 -3.19 12.29
N THR B 261 0.66 -3.56 13.47
CA THR B 261 1.46 -3.67 14.68
C THR B 261 2.63 -4.64 14.51
N CYS B 262 2.46 -5.65 13.67
CA CYS B 262 3.50 -6.66 13.51
C CYS B 262 4.78 -6.04 12.96
N ALA B 263 4.65 -4.92 12.24
CA ALA B 263 5.81 -4.31 11.60
C ALA B 263 6.84 -3.88 12.64
N THR B 264 6.39 -3.55 13.86
CA THR B 264 7.29 -3.15 14.94
C THR B 264 8.22 -4.28 15.34
N MET B 265 7.84 -5.51 15.06
CA MET B 265 8.61 -6.66 15.48
C MET B 265 9.54 -7.22 14.40
N PHE B 266 9.49 -6.71 13.19
CA PHE B 266 10.33 -7.19 12.12
C PHE B 266 11.65 -6.48 12.20
N SER B 267 12.72 -7.21 11.92
CA SER B 267 14.04 -6.61 11.92
C SER B 267 14.32 -5.77 10.67
N SER B 268 13.44 -5.79 9.68
CA SER B 268 13.61 -4.99 8.47
C SER B 268 12.26 -4.54 7.95
N GLU B 269 12.28 -3.49 7.14
CA GLU B 269 11.06 -2.90 6.59
C GLU B 269 10.36 -3.90 5.69
N VAL B 270 9.05 -4.06 5.87
CA VAL B 270 8.25 -4.92 4.99
C VAL B 270 7.15 -4.06 4.39
N GLN B 271 7.06 -4.09 3.05
CA GLN B 271 5.99 -3.40 2.35
C GLN B 271 4.79 -4.32 2.31
N PHE B 272 3.74 -3.93 3.01
CA PHE B 272 2.50 -4.66 2.93
C PHE B 272 1.80 -4.34 1.60
N GLY B 273 0.65 -4.97 1.38
CA GLY B 273 -0.10 -4.91 0.13
C GLY B 273 -0.56 -3.53 -0.30
N ALA B 275 -0.34 0.40 -0.82
CA ALA B 275 0.79 1.23 -1.31
C ALA B 275 1.19 2.28 -0.29
N GLY B 276 0.26 2.65 0.59
CA GLY B 276 0.54 3.61 1.64
C GLY B 276 0.99 3.01 2.96
N ALA B 277 1.01 1.68 3.08
CA ALA B 277 1.17 1.00 4.36
C ALA B 277 2.67 0.81 4.64
N CYS B 278 3.32 1.95 4.87
CA CYS B 278 4.76 2.02 5.03
C CYS B 278 5.06 3.19 5.95
N ALA B 279 5.59 2.90 7.15
CA ALA B 279 5.95 3.95 8.09
C ALA B 279 7.34 4.53 7.77
N ASN B 280 7.42 5.85 7.65
CA ASN B 280 8.66 6.56 7.38
C ASN B 280 9.22 7.30 8.58
N GLN B 281 8.48 7.34 9.69
CA GLN B 281 8.90 7.88 10.99
C GLN B 281 8.15 7.12 12.08
N ALA B 282 8.65 7.19 13.33
CA ALA B 282 8.11 6.36 14.41
C ALA B 282 6.63 6.61 14.64
N SER B 283 6.16 7.84 14.45
CA SER B 283 4.75 8.12 14.70
C SER B 283 3.83 7.43 13.69
N GLU B 284 4.36 7.05 12.51
CA GLU B 284 3.52 6.43 11.50
C GLU B 284 3.21 4.97 11.78
N THR B 285 3.74 4.42 12.87
CA THR B 285 3.52 3.01 13.18
C THR B 285 2.13 2.83 13.74
N ALA B 286 1.53 1.68 13.41
CA ALA B 286 0.27 1.28 14.03
C ALA B 286 0.32 1.40 15.56
N VAL B 287 1.41 0.98 16.17
CA VAL B 287 1.46 0.91 17.63
C VAL B 287 1.37 2.31 18.22
N ALA B 288 2.19 3.22 17.68
CA ALA B 288 2.17 4.60 18.10
C ALA B 288 0.79 5.22 17.87
N LYS B 289 0.22 5.00 16.68
CA LYS B 289 -1.08 5.59 16.41
C LYS B 289 -2.14 5.08 17.38
N ASN B 290 -2.29 3.75 17.51
CA ASN B 290 -3.22 3.15 18.48
C ASN B 290 -3.03 3.74 19.88
N GLN B 291 -1.79 3.96 20.30
CA GLN B 291 -1.57 4.45 21.64
C GLN B 291 -1.98 5.90 21.76
N ALA B 292 -1.76 6.68 20.72
CA ALA B 292 -2.17 8.08 20.76
C ALA B 292 -3.68 8.23 20.70
N LEU B 293 -4.33 7.36 19.94
CA LEU B 293 -5.78 7.39 19.89
C LEU B 293 -6.35 7.11 21.26
N LYS B 294 -5.73 6.17 21.98
CA LYS B 294 -6.25 5.72 23.26
C LYS B 294 -6.21 6.84 24.28
N GLU B 295 -5.15 7.62 24.27
CA GLU B 295 -5.01 8.71 25.22
C GLU B 295 -5.86 9.91 24.84
N ALA B 296 -6.37 9.96 23.61
CA ALA B 296 -7.14 11.10 23.15
C ALA B 296 -8.63 10.94 23.44
N GLY B 297 -9.03 9.77 23.95
CA GLY B 297 -10.42 9.46 24.21
C GLY B 297 -11.03 8.45 23.25
N VAL B 298 -10.28 7.97 22.27
CA VAL B 298 -10.79 7.00 21.32
C VAL B 298 -10.86 5.63 21.97
N PHE B 299 -11.89 4.88 21.64
CA PHE B 299 -12.07 3.54 22.17
C PHE B 299 -11.23 2.59 21.35
N VAL B 300 -10.15 2.09 21.95
CA VAL B 300 -9.13 1.34 21.23
C VAL B 300 -9.05 -0.04 21.87
N PRO B 301 -9.32 -1.12 21.16
CA PRO B 301 -9.19 -2.45 21.74
C PRO B 301 -7.72 -2.87 21.80
N ARG B 302 -7.47 -3.93 22.55
CA ARG B 302 -6.10 -4.41 22.72
C ARG B 302 -5.52 -4.93 21.41
N SER B 303 -6.34 -5.63 20.62
CA SER B 303 -5.94 -6.18 19.33
C SER B 303 -7.19 -6.27 18.46
N PHE B 304 -6.98 -6.51 17.16
CA PHE B 304 -8.13 -6.71 16.28
C PHE B 304 -9.10 -7.73 16.84
N ASP B 305 -8.60 -8.67 17.63
CA ASP B 305 -9.39 -9.75 18.21
C ASP B 305 -10.45 -9.26 19.17
N GLU B 306 -10.21 -8.12 19.80
CA GLU B 306 -11.17 -7.55 20.72
C GLU B 306 -11.98 -6.47 20.04
N LEU B 307 -11.87 -6.35 18.71
CA LEU B 307 -12.52 -5.23 18.05
C LEU B 307 -14.03 -5.33 18.23
N GLY B 308 -14.61 -6.46 17.84
CA GLY B 308 -16.02 -6.66 18.01
C GLY B 308 -16.51 -6.37 19.42
N GLU B 309 -15.69 -6.71 20.44
CA GLU B 309 -16.16 -6.59 21.83
C GLU B 309 -16.27 -5.12 22.26
N ILE B 310 -15.35 -4.28 21.82
CA ILE B 310 -15.42 -2.89 22.24
C ILE B 310 -16.51 -2.14 21.46
N ILE B 311 -16.70 -2.46 20.19
CA ILE B 311 -17.81 -1.89 19.44
C ILE B 311 -19.11 -2.11 20.18
N GLN B 312 -19.39 -3.38 20.47
CA GLN B 312 -20.59 -3.73 21.22
C GLN B 312 -20.62 -3.00 22.55
N SER B 313 -19.49 -2.87 23.24
CA SER B 313 -19.50 -2.21 24.54
C SER B 313 -19.99 -0.78 24.40
N VAL B 314 -19.45 -0.05 23.42
CA VAL B 314 -19.83 1.34 23.21
C VAL B 314 -21.29 1.42 22.76
N TYR B 315 -21.70 0.53 21.85
CA TYR B 315 -23.07 0.56 21.36
C TYR B 315 -24.09 0.37 22.49
N GLU B 316 -23.83 -0.58 23.38
CA GLU B 316 -24.79 -0.88 24.45
C GLU B 316 -24.93 0.32 25.39
N ASP B 317 -23.81 0.94 25.73
CA ASP B 317 -23.89 2.14 26.55
C ASP B 317 -24.64 3.27 25.86
N LEU B 318 -24.55 3.35 24.53
CA LEU B 318 -25.31 4.39 23.82
C LEU B 318 -26.79 4.14 23.86
N VAL B 319 -27.20 2.87 23.84
CA VAL B 319 -28.61 2.55 24.01
C VAL B 319 -29.07 2.87 25.44
N ALA B 320 -28.30 2.44 26.43
CA ALA B 320 -28.68 2.63 27.83
C ALA B 320 -28.97 4.08 28.12
N ASN B 321 -28.22 4.99 27.51
CA ASN B 321 -28.39 6.40 27.81
C ASN B 321 -29.30 7.11 26.82
N GLY B 322 -30.05 6.37 26.00
CA GLY B 322 -31.01 6.97 25.08
C GLY B 322 -30.44 7.73 23.91
N VAL B 323 -29.15 7.59 23.62
CA VAL B 323 -28.60 8.22 22.42
C VAL B 323 -29.08 7.47 21.18
N ILE B 324 -29.18 6.16 21.28
CA ILE B 324 -29.76 5.34 20.24
C ILE B 324 -31.15 4.97 20.68
#